data_9OKS
# 
_entry.id   9OKS 
# 
_audit_conform.dict_name       mmcif_pdbx.dic 
_audit_conform.dict_version    5.407 
_audit_conform.dict_location   http://mmcif.pdb.org/dictionaries/ascii/mmcif_pdbx.dic 
# 
loop_
_database_2.database_id 
_database_2.database_code 
_database_2.pdbx_database_accession 
_database_2.pdbx_DOI 
PDB   9OKS         pdb_00009oks 10.2210/pdb9oks/pdb 
WWPDB D_1000294995 ?            ?                   
# 
loop_
_pdbx_audit_revision_history.ordinal 
_pdbx_audit_revision_history.data_content_type 
_pdbx_audit_revision_history.major_revision 
_pdbx_audit_revision_history.minor_revision 
_pdbx_audit_revision_history.revision_date 
_pdbx_audit_revision_history.part_number 
1 'Structure model' 1 0 2025-10-22 ? 
2 'Structure model' 1 1 2025-11-26 ? 
# 
_pdbx_audit_revision_details.ordinal             1 
_pdbx_audit_revision_details.revision_ordinal    1 
_pdbx_audit_revision_details.data_content_type   'Structure model' 
_pdbx_audit_revision_details.provider            repository 
_pdbx_audit_revision_details.type                'Initial release' 
_pdbx_audit_revision_details.description         ? 
_pdbx_audit_revision_details.details             ? 
# 
_pdbx_audit_revision_group.ordinal             1 
_pdbx_audit_revision_group.revision_ordinal    2 
_pdbx_audit_revision_group.data_content_type   'Structure model' 
_pdbx_audit_revision_group.group               'Database references' 
# 
loop_
_pdbx_audit_revision_category.ordinal 
_pdbx_audit_revision_category.revision_ordinal 
_pdbx_audit_revision_category.data_content_type 
_pdbx_audit_revision_category.category 
1 2 'Structure model' citation        
2 2 'Structure model' citation_author 
# 
_pdbx_database_status.status_code                     REL 
_pdbx_database_status.status_code_sf                  REL 
_pdbx_database_status.status_code_mr                  ? 
_pdbx_database_status.entry_id                        9OKS 
_pdbx_database_status.recvd_initial_deposition_date   2025-05-11 
_pdbx_database_status.SG_entry                        N 
_pdbx_database_status.deposit_site                    RCSB 
_pdbx_database_status.process_site                    RCSB 
_pdbx_database_status.status_code_cs                  ? 
_pdbx_database_status.status_code_nmr_data            ? 
_pdbx_database_status.methods_development_category    ? 
_pdbx_database_status.pdb_format_compatible           Y 
# 
_pdbx_contact_author.id                 2 
_pdbx_contact_author.email              jwszostak@uchicago.edu 
_pdbx_contact_author.name_first         Jack 
_pdbx_contact_author.name_last          Szostak 
_pdbx_contact_author.name_mi            W 
_pdbx_contact_author.role               'principal investigator/group leader' 
_pdbx_contact_author.identifier_ORCID   0000-0003-4131-1203 
# 
loop_
_audit_author.name 
_audit_author.pdbx_ordinal 
_audit_author.identifier_ORCID 
'Fang, Z.'      1 0000-0001-8679-6633 
'Szostak, J.W.' 2 0000-0003-4131-1203 
# 
loop_
_citation.abstract 
_citation.abstract_id_CAS 
_citation.book_id_ISBN 
_citation.book_publisher 
_citation.book_publisher_city 
_citation.book_title 
_citation.coordinate_linkage 
_citation.country 
_citation.database_id_Medline 
_citation.details 
_citation.id 
_citation.journal_abbrev 
_citation.journal_id_ASTM 
_citation.journal_id_CSD 
_citation.journal_id_ISSN 
_citation.journal_full 
_citation.journal_issue 
_citation.journal_volume 
_citation.language 
_citation.page_first 
_citation.page_last 
_citation.title 
_citation.year 
_citation.database_id_CSD 
_citation.pdbx_database_id_DOI 
_citation.pdbx_database_id_PubMed 
_citation.pdbx_database_id_patent 
_citation.unpublished_flag 
? ? ? ? ? ? ? UK ? ? primary 'Nucleic Acids Res.' NARHAD 0389 1362-4962 ? ? 53 ? ? ? 
;Impact of 2'-deoxyribo-purine substrates on nonenzymatic RNA template-directed primer extension.
;
2025 ? 10.1093/nar/gkaf1228      41261857 ? ? 
? ? ? ? ? ? ? US ? ? 1       Biorxiv              ?      ?    2692-8205 ? ? ?  ? ? ? 
;Impact of 2'-deoxyribo-purine substrates on nonenzymatic RNA template-directed primer extension.
;
2025 ? 10.1101/2025.08.29.673048 40909494 ? ? 
# 
loop_
_citation_author.citation_id 
_citation_author.name 
_citation_author.ordinal 
_citation_author.identifier_ORCID 
primary 'Fang, Z.'      1  0000-0001-8679-6633 
primary 'Acikgoz, O.'   2  ?                   
primary 'Jia, X.'       3  0000-0001-9094-9882 
primary 'Essex, J.'     4  ?                   
primary 'Wen, R.'       5  ?                   
primary 'Szostak, J.W.' 6  0000-0003-4131-1203 
1       'Fang, Z.'      7  0000-0001-8679-6633 
1       'Acikgoz, O.'   8  0009-0001-3296-1637 
1       'Jia, X.'       9  0000-0001-9094-9882 
1       'Essex, J.'     10 0009-0003-6281-4798 
1       'Wen, R.'       11 ?                   
1       'Szostak, J.W.' 12 0000-0003-4131-1203 
# 
loop_
_entity.id 
_entity.type 
_entity.src_method 
_entity.pdbx_description 
_entity.formula_weight 
_entity.pdbx_number_of_molecules 
_entity.pdbx_ec 
_entity.pdbx_mutation 
_entity.pdbx_fragment 
_entity.details 
1 polymer     syn 
;DNA/RNA (5'-R(*AP*GP*AP*G)-D(P*A)-R(P*AP*GP*AP*UP*CP*UP*UP*CP*UP*CP*U)-3')
;
5067.064 1  ? ? ? ? 
2 non-polymer syn 'MAGNESIUM ION'                                                              24.305   2  ? ? ? ? 
3 water       nat water                                                                        18.015   88 ? ? ? ? 
# 
_entity_poly.entity_id                      1 
_entity_poly.type                           'polydeoxyribonucleotide/polyribonucleotide hybrid' 
_entity_poly.nstd_linkage                   no 
_entity_poly.nstd_monomer                   no 
_entity_poly.pdbx_seq_one_letter_code       'AGAG(DA)AGAUCUUCUCU' 
_entity_poly.pdbx_seq_one_letter_code_can   AGAGAAGAUCUUCUCU 
_entity_poly.pdbx_strand_id                 A 
_entity_poly.pdbx_target_identifier         ? 
# 
loop_
_pdbx_entity_nonpoly.entity_id 
_pdbx_entity_nonpoly.name 
_pdbx_entity_nonpoly.comp_id 
2 'MAGNESIUM ION' MG  
3 water           HOH 
# 
loop_
_entity_poly_seq.entity_id 
_entity_poly_seq.num 
_entity_poly_seq.mon_id 
_entity_poly_seq.hetero 
1 1  A  n 
1 2  G  n 
1 3  A  n 
1 4  G  n 
1 5  DA n 
1 6  A  n 
1 7  G  n 
1 8  A  n 
1 9  U  n 
1 10 C  n 
1 11 U  n 
1 12 U  n 
1 13 C  n 
1 14 U  n 
1 15 C  n 
1 16 U  n 
# 
_pdbx_entity_src_syn.entity_id              1 
_pdbx_entity_src_syn.pdbx_src_id            1 
_pdbx_entity_src_syn.pdbx_alt_source_flag   sample 
_pdbx_entity_src_syn.pdbx_beg_seq_num       1 
_pdbx_entity_src_syn.pdbx_end_seq_num       16 
_pdbx_entity_src_syn.organism_scientific    'synthetic construct' 
_pdbx_entity_src_syn.organism_common_name   ? 
_pdbx_entity_src_syn.ncbi_taxonomy_id       32630 
_pdbx_entity_src_syn.details                ? 
# 
loop_
_chem_comp.id 
_chem_comp.type 
_chem_comp.mon_nstd_flag 
_chem_comp.name 
_chem_comp.pdbx_synonyms 
_chem_comp.formula 
_chem_comp.formula_weight 
A   'RNA linking' y "ADENOSINE-5'-MONOPHOSPHATE"         ? 'C10 H14 N5 O7 P' 347.221 
C   'RNA linking' y "CYTIDINE-5'-MONOPHOSPHATE"          ? 'C9 H14 N3 O8 P'  323.197 
DA  'DNA linking' y "2'-DEOXYADENOSINE-5'-MONOPHOSPHATE" ? 'C10 H14 N5 O6 P' 331.222 
G   'RNA linking' y "GUANOSINE-5'-MONOPHOSPHATE"         ? 'C10 H14 N5 O8 P' 363.221 
HOH non-polymer   . WATER                                ? 'H2 O'            18.015  
MG  non-polymer   . 'MAGNESIUM ION'                      ? 'Mg 2'            24.305  
U   'RNA linking' y "URIDINE-5'-MONOPHOSPHATE"           ? 'C9 H13 N2 O9 P'  324.181 
# 
loop_
_pdbx_poly_seq_scheme.asym_id 
_pdbx_poly_seq_scheme.entity_id 
_pdbx_poly_seq_scheme.seq_id 
_pdbx_poly_seq_scheme.mon_id 
_pdbx_poly_seq_scheme.ndb_seq_num 
_pdbx_poly_seq_scheme.pdb_seq_num 
_pdbx_poly_seq_scheme.auth_seq_num 
_pdbx_poly_seq_scheme.pdb_mon_id 
_pdbx_poly_seq_scheme.auth_mon_id 
_pdbx_poly_seq_scheme.pdb_strand_id 
_pdbx_poly_seq_scheme.pdb_ins_code 
_pdbx_poly_seq_scheme.hetero 
A 1 1  A  1  1  1  A  A  A . n 
A 1 2  G  2  2  2  G  G  A . n 
A 1 3  A  3  3  3  A  A  A . n 
A 1 4  G  4  4  4  G  G  A . n 
A 1 5  DA 5  5  5  DA DA A . n 
A 1 6  A  6  6  6  A  A  A . n 
A 1 7  G  7  7  7  G  G  A . n 
A 1 8  A  8  8  8  A  A  A . n 
A 1 9  U  9  9  9  U  U  A . n 
A 1 10 C  10 10 10 C  C  A . n 
A 1 11 U  11 11 11 U  U  A . n 
A 1 12 U  12 12 12 U  U  A . n 
A 1 13 C  13 13 13 C  C  A . n 
A 1 14 U  14 14 14 U  U  A . n 
A 1 15 C  15 15 15 C  C  A . n 
A 1 16 U  16 16 16 U  U  A . n 
# 
loop_
_pdbx_nonpoly_scheme.asym_id 
_pdbx_nonpoly_scheme.entity_id 
_pdbx_nonpoly_scheme.mon_id 
_pdbx_nonpoly_scheme.ndb_seq_num 
_pdbx_nonpoly_scheme.pdb_seq_num 
_pdbx_nonpoly_scheme.auth_seq_num 
_pdbx_nonpoly_scheme.pdb_mon_id 
_pdbx_nonpoly_scheme.auth_mon_id 
_pdbx_nonpoly_scheme.pdb_strand_id 
_pdbx_nonpoly_scheme.pdb_ins_code 
B 2 MG  1  101 1  MG  MG  A . 
C 2 MG  1  102 2  MG  MG  A . 
D 3 HOH 1  201 57 HOH HOH A . 
D 3 HOH 2  202 9  HOH HOH A . 
D 3 HOH 3  203 78 HOH HOH A . 
D 3 HOH 4  204 60 HOH HOH A . 
D 3 HOH 5  205 88 HOH HOH A . 
D 3 HOH 6  206 13 HOH HOH A . 
D 3 HOH 7  207 16 HOH HOH A . 
D 3 HOH 8  208 70 HOH HOH A . 
D 3 HOH 9  209 34 HOH HOH A . 
D 3 HOH 10 210 6  HOH HOH A . 
D 3 HOH 11 211 65 HOH HOH A . 
D 3 HOH 12 212 29 HOH HOH A . 
D 3 HOH 13 213 2  HOH HOH A . 
D 3 HOH 14 214 14 HOH HOH A . 
D 3 HOH 15 215 87 HOH HOH A . 
D 3 HOH 16 216 23 HOH HOH A . 
D 3 HOH 17 217 32 HOH HOH A . 
D 3 HOH 18 218 48 HOH HOH A . 
D 3 HOH 19 219 84 HOH HOH A . 
D 3 HOH 20 220 21 HOH HOH A . 
D 3 HOH 21 221 18 HOH HOH A . 
D 3 HOH 22 222 20 HOH HOH A . 
D 3 HOH 23 223 8  HOH HOH A . 
D 3 HOH 24 224 10 HOH HOH A . 
D 3 HOH 25 225 61 HOH HOH A . 
D 3 HOH 26 226 64 HOH HOH A . 
D 3 HOH 27 227 15 HOH HOH A . 
D 3 HOH 28 228 12 HOH HOH A . 
D 3 HOH 29 229 77 HOH HOH A . 
D 3 HOH 30 230 44 HOH HOH A . 
D 3 HOH 31 231 83 HOH HOH A . 
D 3 HOH 32 232 4  HOH HOH A . 
D 3 HOH 33 233 43 HOH HOH A . 
D 3 HOH 34 234 71 HOH HOH A . 
D 3 HOH 35 235 7  HOH HOH A . 
D 3 HOH 36 236 45 HOH HOH A . 
D 3 HOH 37 237 5  HOH HOH A . 
D 3 HOH 38 238 35 HOH HOH A . 
D 3 HOH 39 239 27 HOH HOH A . 
D 3 HOH 40 240 37 HOH HOH A . 
D 3 HOH 41 241 41 HOH HOH A . 
D 3 HOH 42 242 40 HOH HOH A . 
D 3 HOH 43 243 26 HOH HOH A . 
D 3 HOH 44 244 31 HOH HOH A . 
D 3 HOH 45 245 22 HOH HOH A . 
D 3 HOH 46 246 1  HOH HOH A . 
D 3 HOH 47 247 17 HOH HOH A . 
D 3 HOH 48 248 68 HOH HOH A . 
D 3 HOH 49 249 85 HOH HOH A . 
D 3 HOH 50 250 74 HOH HOH A . 
D 3 HOH 51 251 42 HOH HOH A . 
D 3 HOH 52 252 19 HOH HOH A . 
D 3 HOH 53 253 11 HOH HOH A . 
D 3 HOH 54 254 76 HOH HOH A . 
D 3 HOH 55 255 63 HOH HOH A . 
D 3 HOH 56 256 36 HOH HOH A . 
D 3 HOH 57 257 24 HOH HOH A . 
D 3 HOH 58 258 46 HOH HOH A . 
D 3 HOH 59 259 81 HOH HOH A . 
D 3 HOH 60 260 39 HOH HOH A . 
D 3 HOH 61 261 33 HOH HOH A . 
D 3 HOH 62 262 50 HOH HOH A . 
D 3 HOH 63 263 80 HOH HOH A . 
D 3 HOH 64 264 62 HOH HOH A . 
D 3 HOH 65 265 90 HOH HOH A . 
D 3 HOH 66 266 55 HOH HOH A . 
D 3 HOH 67 267 47 HOH HOH A . 
D 3 HOH 68 268 58 HOH HOH A . 
D 3 HOH 69 269 25 HOH HOH A . 
D 3 HOH 70 270 30 HOH HOH A . 
D 3 HOH 71 271 67 HOH HOH A . 
D 3 HOH 72 272 53 HOH HOH A . 
D 3 HOH 73 273 86 HOH HOH A . 
D 3 HOH 74 274 51 HOH HOH A . 
D 3 HOH 75 275 28 HOH HOH A . 
D 3 HOH 76 276 54 HOH HOH A . 
D 3 HOH 77 277 56 HOH HOH A . 
D 3 HOH 78 278 89 HOH HOH A . 
D 3 HOH 79 279 75 HOH HOH A . 
D 3 HOH 80 280 52 HOH HOH A . 
D 3 HOH 81 281 79 HOH HOH A . 
D 3 HOH 82 282 38 HOH HOH A . 
D 3 HOH 83 283 82 HOH HOH A . 
D 3 HOH 84 284 59 HOH HOH A . 
D 3 HOH 85 285 73 HOH HOH A . 
D 3 HOH 86 286 66 HOH HOH A . 
D 3 HOH 87 287 69 HOH HOH A . 
D 3 HOH 88 288 72 HOH HOH A . 
# 
loop_
_software.citation_id 
_software.classification 
_software.compiler_name 
_software.compiler_version 
_software.contact_author 
_software.contact_author_email 
_software.date 
_software.description 
_software.dependencies 
_software.hardware 
_software.language 
_software.location 
_software.mods 
_software.name 
_software.os 
_software.os_version 
_software.type 
_software.version 
_software.pdbx_reference_DOI 
_software.pdbx_ordinal 
? refinement       ? ? ? ? ? ? ? ? ? ? ? REFMAC   ? ? ? 5.8.0425 ? 1 
? 'data reduction' ? ? ? ? ? ? ? ? ? ? ? HKL-2000 ? ? ? .        ? 2 
? 'data scaling'   ? ? ? ? ? ? ? ? ? ? ? HKL-2000 ? ? ? .        ? 3 
? phasing          ? ? ? ? ? ? ? ? ? ? ? PHASER   ? ? ? .        ? 4 
# 
_cell.angle_alpha                  90.000 
_cell.angle_alpha_esd              ? 
_cell.angle_beta                   90.000 
_cell.angle_beta_esd               ? 
_cell.angle_gamma                  120.000 
_cell.angle_gamma_esd              ? 
_cell.entry_id                     9OKS 
_cell.details                      ? 
_cell.formula_units_Z              ? 
_cell.length_a                     41.204 
_cell.length_a_esd                 ? 
_cell.length_b                     41.204 
_cell.length_b_esd                 ? 
_cell.length_c                     125.586 
_cell.length_c_esd                 ? 
_cell.volume                       ? 
_cell.volume_esd                   ? 
_cell.Z_PDB                        18 
_cell.reciprocal_angle_alpha       ? 
_cell.reciprocal_angle_beta        ? 
_cell.reciprocal_angle_gamma       ? 
_cell.reciprocal_angle_alpha_esd   ? 
_cell.reciprocal_angle_beta_esd    ? 
_cell.reciprocal_angle_gamma_esd   ? 
_cell.reciprocal_length_a          ? 
_cell.reciprocal_length_b          ? 
_cell.reciprocal_length_c          ? 
_cell.reciprocal_length_a_esd      ? 
_cell.reciprocal_length_b_esd      ? 
_cell.reciprocal_length_c_esd      ? 
_cell.pdbx_unique_axis             ? 
_cell.pdbx_esd_method              ? 
# 
_symmetry.entry_id                         9OKS 
_symmetry.cell_setting                     ? 
_symmetry.Int_Tables_number                155 
_symmetry.space_group_name_Hall            ? 
_symmetry.space_group_name_H-M             'H 3 2' 
_symmetry.pdbx_full_space_group_name_H-M   ? 
# 
_exptl.absorpt_coefficient_mu     ? 
_exptl.absorpt_correction_T_max   ? 
_exptl.absorpt_correction_T_min   ? 
_exptl.absorpt_correction_type    ? 
_exptl.absorpt_process_details    ? 
_exptl.entry_id                   9OKS 
_exptl.crystals_number            1 
_exptl.details                    ? 
_exptl.method                     'X-RAY DIFFRACTION' 
_exptl.method_details             ? 
# 
_exptl_crystal.colour                       ? 
_exptl_crystal.density_diffrn               ? 
_exptl_crystal.density_Matthews             2.02 
_exptl_crystal.density_method               ? 
_exptl_crystal.density_percent_sol          39.05 
_exptl_crystal.description                  ? 
_exptl_crystal.F_000                        ? 
_exptl_crystal.id                           1 
_exptl_crystal.preparation                  ? 
_exptl_crystal.size_max                     ? 
_exptl_crystal.size_mid                     ? 
_exptl_crystal.size_min                     ? 
_exptl_crystal.size_rad                     ? 
_exptl_crystal.colour_lustre                ? 
_exptl_crystal.colour_modifier              ? 
_exptl_crystal.colour_primary               ? 
_exptl_crystal.density_meas                 ? 
_exptl_crystal.density_meas_esd             ? 
_exptl_crystal.density_meas_gt              ? 
_exptl_crystal.density_meas_lt              ? 
_exptl_crystal.density_meas_temp            ? 
_exptl_crystal.density_meas_temp_esd        ? 
_exptl_crystal.density_meas_temp_gt         ? 
_exptl_crystal.density_meas_temp_lt         ? 
_exptl_crystal.pdbx_crystal_image_url       ? 
_exptl_crystal.pdbx_crystal_image_format    ? 
_exptl_crystal.pdbx_mosaicity               ? 
_exptl_crystal.pdbx_mosaicity_esd           ? 
_exptl_crystal.pdbx_mosaic_method           ? 
_exptl_crystal.pdbx_mosaic_block_size       ? 
_exptl_crystal.pdbx_mosaic_block_size_esd   ? 
# 
_exptl_crystal_grow.apparatus       ? 
_exptl_crystal_grow.atmosphere      ? 
_exptl_crystal_grow.crystal_id      1 
_exptl_crystal_grow.details         ? 
_exptl_crystal_grow.method          'VAPOR DIFFUSION, SITTING DROP' 
_exptl_crystal_grow.method_ref      ? 
_exptl_crystal_grow.pH              6.0 
_exptl_crystal_grow.pressure        ? 
_exptl_crystal_grow.pressure_esd    ? 
_exptl_crystal_grow.seeding         ? 
_exptl_crystal_grow.seeding_ref     ? 
_exptl_crystal_grow.temp_details    ? 
_exptl_crystal_grow.temp_esd        ? 
_exptl_crystal_grow.time            ? 
_exptl_crystal_grow.pdbx_details    
;0.08 M Sodium chloride, 0.012 M Potassium chloride, 0.02 M Magnesium chloride hexahydrate, 0.04 M Sodium cacodylate trihydrate pH 6.0, 30% v/v (+/-)-2-Methyl-2,4-pentanediol, 0.012 M Spermine tetrahydrochloride
;
_exptl_crystal_grow.pdbx_pH_range   ? 
_exptl_crystal_grow.temp            293 
# 
_diffrn.ambient_environment              ? 
_diffrn.ambient_temp                     99 
_diffrn.ambient_temp_details             ? 
_diffrn.ambient_temp_esd                 ? 
_diffrn.crystal_id                       1 
_diffrn.crystal_support                  ? 
_diffrn.crystal_treatment                ? 
_diffrn.details                          ? 
_diffrn.id                               1 
_diffrn.ambient_pressure                 ? 
_diffrn.ambient_pressure_esd             ? 
_diffrn.ambient_pressure_gt              ? 
_diffrn.ambient_pressure_lt              ? 
_diffrn.ambient_temp_gt                  ? 
_diffrn.ambient_temp_lt                  ? 
_diffrn.pdbx_serial_crystal_experiment   N 
# 
_diffrn_detector.details                      ? 
_diffrn_detector.detector                     PIXEL 
_diffrn_detector.diffrn_id                    1 
_diffrn_detector.type                         'DECTRIS PILATUS3 2M' 
_diffrn_detector.area_resol_mean              ? 
_diffrn_detector.dtime                        ? 
_diffrn_detector.pdbx_frames_total            ? 
_diffrn_detector.pdbx_collection_time_total   ? 
_diffrn_detector.pdbx_collection_date         2024-10-30 
_diffrn_detector.pdbx_frequency               ? 
_diffrn_detector.id                           ? 
_diffrn_detector.number_of_axes               ? 
# 
_diffrn_radiation.collimation                      ? 
_diffrn_radiation.diffrn_id                        1 
_diffrn_radiation.filter_edge                      ? 
_diffrn_radiation.inhomogeneity                    ? 
_diffrn_radiation.monochromator                    ? 
_diffrn_radiation.polarisn_norm                    ? 
_diffrn_radiation.polarisn_ratio                   ? 
_diffrn_radiation.probe                            ? 
_diffrn_radiation.type                             ? 
_diffrn_radiation.xray_symbol                      ? 
_diffrn_radiation.wavelength_id                    1 
_diffrn_radiation.pdbx_monochromatic_or_laue_m_l   M 
_diffrn_radiation.pdbx_wavelength_list             ? 
_diffrn_radiation.pdbx_wavelength                  ? 
_diffrn_radiation.pdbx_diffrn_protocol             'SINGLE WAVELENGTH' 
_diffrn_radiation.pdbx_analyzer                    ? 
_diffrn_radiation.pdbx_scattering_type             x-ray 
# 
_diffrn_radiation_wavelength.id           1 
_diffrn_radiation_wavelength.wavelength   0.97741 
_diffrn_radiation_wavelength.wt           1.0 
# 
_diffrn_source.current                     ? 
_diffrn_source.details                     ? 
_diffrn_source.diffrn_id                   1 
_diffrn_source.power                       ? 
_diffrn_source.size                        ? 
_diffrn_source.source                      SYNCHROTRON 
_diffrn_source.target                      ? 
_diffrn_source.type                        'ALS BEAMLINE 5.0.1' 
_diffrn_source.voltage                     ? 
_diffrn_source.take-off_angle              ? 
_diffrn_source.pdbx_wavelength_list        0.97741 
_diffrn_source.pdbx_wavelength             ? 
_diffrn_source.pdbx_synchrotron_beamline   5.0.1 
_diffrn_source.pdbx_synchrotron_site       ALS 
# 
_reflns.B_iso_Wilson_estimate                          ? 
_reflns.entry_id                                       9OKS 
_reflns.data_reduction_details                         ? 
_reflns.data_reduction_method                          ? 
_reflns.d_resolution_high                              1.50 
_reflns.d_resolution_low                               50 
_reflns.details                                        ? 
_reflns.limit_h_max                                    ? 
_reflns.limit_h_min                                    ? 
_reflns.limit_k_max                                    ? 
_reflns.limit_k_min                                    ? 
_reflns.limit_l_max                                    ? 
_reflns.limit_l_min                                    ? 
_reflns.number_all                                     ? 
_reflns.number_obs                                     6909 
_reflns.observed_criterion                             ? 
_reflns.observed_criterion_F_max                       ? 
_reflns.observed_criterion_F_min                       ? 
_reflns.observed_criterion_I_max                       ? 
_reflns.observed_criterion_I_min                       ? 
_reflns.observed_criterion_sigma_F                     ? 
_reflns.observed_criterion_sigma_I                     ? 
_reflns.percent_possible_obs                           100 
_reflns.R_free_details                                 ? 
_reflns.Rmerge_F_all                                   ? 
_reflns.Rmerge_F_obs                                   ? 
_reflns.Friedel_coverage                               ? 
_reflns.number_gt                                      ? 
_reflns.threshold_expression                           ? 
_reflns.pdbx_redundancy                                8.7 
_reflns.pdbx_netI_over_av_sigmaI                       ? 
_reflns.pdbx_netI_over_sigmaI                          30.0 
_reflns.pdbx_res_netI_over_av_sigmaI_2                 ? 
_reflns.pdbx_res_netI_over_sigmaI_2                    ? 
_reflns.pdbx_chi_squared                               0.978 
_reflns.pdbx_scaling_rejects                           ? 
_reflns.pdbx_d_res_high_opt                            ? 
_reflns.pdbx_d_res_low_opt                             ? 
_reflns.pdbx_d_res_opt_method                          ? 
_reflns.phase_calculation_details                      ? 
_reflns.pdbx_Rrim_I_all                                0.071 
_reflns.pdbx_Rpim_I_all                                0.024 
_reflns.pdbx_d_opt                                     ? 
_reflns.pdbx_number_measured_all                       ? 
_reflns.pdbx_diffrn_id                                 1 
_reflns.pdbx_ordinal                                   1 
_reflns.pdbx_CC_half                                   0.996 
_reflns.pdbx_CC_star                                   0.999 
_reflns.pdbx_R_split                                   ? 
_reflns.pdbx_Rmerge_I_obs                              0.067 
_reflns.pdbx_Rmerge_I_all                              ? 
_reflns.pdbx_Rsym_value                                ? 
_reflns.pdbx_CC_split_method                           ? 
_reflns.pdbx_aniso_diffraction_limit_axis_1_ortho[1]   ? 
_reflns.pdbx_aniso_diffraction_limit_axis_1_ortho[2]   ? 
_reflns.pdbx_aniso_diffraction_limit_axis_1_ortho[3]   ? 
_reflns.pdbx_aniso_diffraction_limit_axis_2_ortho[1]   ? 
_reflns.pdbx_aniso_diffraction_limit_axis_2_ortho[2]   ? 
_reflns.pdbx_aniso_diffraction_limit_axis_2_ortho[3]   ? 
_reflns.pdbx_aniso_diffraction_limit_axis_3_ortho[1]   ? 
_reflns.pdbx_aniso_diffraction_limit_axis_3_ortho[2]   ? 
_reflns.pdbx_aniso_diffraction_limit_axis_3_ortho[3]   ? 
_reflns.pdbx_aniso_diffraction_limit_1                 ? 
_reflns.pdbx_aniso_diffraction_limit_2                 ? 
_reflns.pdbx_aniso_diffraction_limit_3                 ? 
_reflns.pdbx_aniso_B_tensor_eigenvector_1_ortho[1]     ? 
_reflns.pdbx_aniso_B_tensor_eigenvector_1_ortho[2]     ? 
_reflns.pdbx_aniso_B_tensor_eigenvector_1_ortho[3]     ? 
_reflns.pdbx_aniso_B_tensor_eigenvector_2_ortho[1]     ? 
_reflns.pdbx_aniso_B_tensor_eigenvector_2_ortho[2]     ? 
_reflns.pdbx_aniso_B_tensor_eigenvector_2_ortho[3]     ? 
_reflns.pdbx_aniso_B_tensor_eigenvector_3_ortho[1]     ? 
_reflns.pdbx_aniso_B_tensor_eigenvector_3_ortho[2]     ? 
_reflns.pdbx_aniso_B_tensor_eigenvector_3_ortho[3]     ? 
_reflns.pdbx_aniso_B_tensor_eigenvalue_1               ? 
_reflns.pdbx_aniso_B_tensor_eigenvalue_2               ? 
_reflns.pdbx_aniso_B_tensor_eigenvalue_3               ? 
_reflns.pdbx_orthogonalization_convention              ? 
_reflns.pdbx_percent_possible_ellipsoidal              ? 
_reflns.pdbx_percent_possible_spherical                ? 
_reflns.pdbx_percent_possible_ellipsoidal_anomalous    ? 
_reflns.pdbx_percent_possible_spherical_anomalous      ? 
_reflns.pdbx_redundancy_anomalous                      ? 
_reflns.pdbx_CC_half_anomalous                         ? 
_reflns.pdbx_absDiff_over_sigma_anomalous              ? 
_reflns.pdbx_percent_possible_anomalous                ? 
_reflns.pdbx_observed_signal_threshold                 ? 
_reflns.pdbx_signal_type                               ? 
_reflns.pdbx_signal_details                            ? 
_reflns.pdbx_signal_software_id                        ? 
# 
_reflns_shell.d_res_high                                    1.50 
_reflns_shell.d_res_low                                     1.53 
_reflns_shell.meanI_over_sigI_all                           ? 
_reflns_shell.meanI_over_sigI_obs                           4.0 
_reflns_shell.number_measured_all                           ? 
_reflns_shell.number_measured_obs                           ? 
_reflns_shell.number_possible                               ? 
_reflns_shell.number_unique_all                             ? 
_reflns_shell.number_unique_obs                             334 
_reflns_shell.percent_possible_obs                          ? 
_reflns_shell.Rmerge_F_all                                  ? 
_reflns_shell.Rmerge_F_obs                                  ? 
_reflns_shell.meanI_over_sigI_gt                            ? 
_reflns_shell.meanI_over_uI_all                             ? 
_reflns_shell.meanI_over_uI_gt                              ? 
_reflns_shell.number_measured_gt                            ? 
_reflns_shell.number_unique_gt                              ? 
_reflns_shell.percent_possible_gt                           ? 
_reflns_shell.Rmerge_F_gt                                   ? 
_reflns_shell.Rmerge_I_gt                                   ? 
_reflns_shell.pdbx_redundancy                               8.2 
_reflns_shell.pdbx_chi_squared                              0.953 
_reflns_shell.pdbx_netI_over_sigmaI_all                     ? 
_reflns_shell.pdbx_netI_over_sigmaI_obs                     ? 
_reflns_shell.pdbx_Rrim_I_all                               0.544 
_reflns_shell.pdbx_Rpim_I_all                               0.186 
_reflns_shell.pdbx_rejects                                  ? 
_reflns_shell.pdbx_ordinal                                  1 
_reflns_shell.pdbx_diffrn_id                                1 
_reflns_shell.pdbx_CC_half                                  0.919 
_reflns_shell.pdbx_CC_star                                  0.979 
_reflns_shell.pdbx_R_split                                  ? 
_reflns_shell.percent_possible_all                          100 
_reflns_shell.Rmerge_I_all                                  ? 
_reflns_shell.Rmerge_I_obs                                  0.510 
_reflns_shell.pdbx_Rsym_value                               ? 
_reflns_shell.pdbx_percent_possible_ellipsoidal             ? 
_reflns_shell.pdbx_percent_possible_spherical               ? 
_reflns_shell.pdbx_percent_possible_ellipsoidal_anomalous   ? 
_reflns_shell.pdbx_percent_possible_spherical_anomalous     ? 
_reflns_shell.pdbx_redundancy_anomalous                     ? 
_reflns_shell.pdbx_CC_half_anomalous                        ? 
_reflns_shell.pdbx_absDiff_over_sigma_anomalous             ? 
_reflns_shell.pdbx_percent_possible_anomalous               ? 
# 
_refine.aniso_B[1][1]                            -0.001 
_refine.aniso_B[1][2]                            -0.000 
_refine.aniso_B[1][3]                            -0.000 
_refine.aniso_B[2][2]                            -0.001 
_refine.aniso_B[2][3]                            -0.000 
_refine.aniso_B[3][3]                            0.003 
_refine.B_iso_max                                ? 
_refine.B_iso_mean                               10.313 
_refine.B_iso_min                                ? 
_refine.correlation_coeff_Fo_to_Fc               0.972 
_refine.correlation_coeff_Fo_to_Fc_free          0.955 
_refine.details                                  'Hydrogens have been added in their riding positions' 
_refine.diff_density_max                         ? 
_refine.diff_density_max_esd                     ? 
_refine.diff_density_min                         ? 
_refine.diff_density_min_esd                     ? 
_refine.diff_density_rms                         ? 
_refine.diff_density_rms_esd                     ? 
_refine.entry_id                                 9OKS 
_refine.pdbx_refine_id                           'X-RAY DIFFRACTION' 
_refine.ls_abs_structure_details                 ? 
_refine.ls_abs_structure_Flack                   ? 
_refine.ls_abs_structure_Flack_esd               ? 
_refine.ls_abs_structure_Rogers                  ? 
_refine.ls_abs_structure_Rogers_esd              ? 
_refine.ls_d_res_high                            1.500 
_refine.ls_d_res_low                             41.862 
_refine.ls_extinction_coef                       ? 
_refine.ls_extinction_coef_esd                   ? 
_refine.ls_extinction_expression                 ? 
_refine.ls_extinction_method                     ? 
_refine.ls_goodness_of_fit_all                   ? 
_refine.ls_goodness_of_fit_all_esd               ? 
_refine.ls_goodness_of_fit_obs                   ? 
_refine.ls_goodness_of_fit_obs_esd               ? 
_refine.ls_hydrogen_treatment                    ? 
_refine.ls_matrix_type                           ? 
_refine.ls_number_constraints                    ? 
_refine.ls_number_parameters                     ? 
_refine.ls_number_reflns_all                     ? 
_refine.ls_number_reflns_obs                     6743 
_refine.ls_number_reflns_R_free                  341 
_refine.ls_number_reflns_R_work                  6402 
_refine.ls_number_restraints                     ? 
_refine.ls_percent_reflns_obs                    97.583 
_refine.ls_percent_reflns_R_free                 5.057 
_refine.ls_R_factor_all                          0.168 
_refine.ls_R_factor_obs                          ? 
_refine.ls_R_factor_R_free                       0.2099 
_refine.ls_R_factor_R_free_error                 ? 
_refine.ls_R_factor_R_free_error_details         ? 
_refine.ls_R_factor_R_work                       0.1661 
_refine.ls_R_Fsqd_factor_obs                     ? 
_refine.ls_R_I_factor_obs                        ? 
_refine.ls_redundancy_reflns_all                 ? 
_refine.ls_redundancy_reflns_obs                 ? 
_refine.ls_restrained_S_all                      ? 
_refine.ls_restrained_S_obs                      ? 
_refine.ls_shift_over_esd_max                    ? 
_refine.ls_shift_over_esd_mean                   ? 
_refine.ls_structure_factor_coef                 ? 
_refine.ls_weighting_details                     ? 
_refine.ls_weighting_scheme                      ? 
_refine.ls_wR_factor_all                         ? 
_refine.ls_wR_factor_obs                         ? 
_refine.ls_wR_factor_R_free                      ? 
_refine.ls_wR_factor_R_work                      ? 
_refine.occupancy_max                            ? 
_refine.occupancy_min                            ? 
_refine.solvent_model_details                    'MASK BULK SOLVENT' 
_refine.solvent_model_param_bsol                 ? 
_refine.solvent_model_param_ksol                 ? 
_refine.correlation_coeff_I_to_Fcsqd_work        ? 
_refine.correlation_coeff_I_to_Fcsqd_free        ? 
_refine.pdbx_R_complete                          ? 
_refine.ls_R_factor_gt                           ? 
_refine.ls_goodness_of_fit_gt                    ? 
_refine.ls_goodness_of_fit_ref                   ? 
_refine.ls_shift_over_su_max                     ? 
_refine.ls_shift_over_su_max_lt                  ? 
_refine.ls_shift_over_su_mean                    ? 
_refine.ls_shift_over_su_mean_lt                 ? 
_refine.pdbx_ls_sigma_I                          ? 
_refine.pdbx_ls_sigma_F                          ? 
_refine.pdbx_ls_sigma_Fsqd                       ? 
_refine.pdbx_data_cutoff_high_absF               ? 
_refine.pdbx_data_cutoff_high_rms_absF           ? 
_refine.pdbx_data_cutoff_low_absF                ? 
_refine.pdbx_isotropic_thermal_model             ? 
_refine.pdbx_ls_cross_valid_method               THROUGHOUT 
_refine.pdbx_method_to_determine_struct          'MOLECULAR REPLACEMENT' 
_refine.pdbx_starting_model                      ? 
_refine.pdbx_stereochemistry_target_values       ? 
_refine.pdbx_R_Free_selection_details            ? 
_refine.pdbx_stereochem_target_val_spec_case     ? 
_refine.pdbx_overall_ESU_R                       0.077 
_refine.pdbx_overall_ESU_R_Free                  0.083 
_refine.pdbx_solvent_vdw_probe_radii             1.200 
_refine.pdbx_solvent_ion_probe_radii             0.800 
_refine.pdbx_solvent_shrinkage_radii             0.800 
_refine.pdbx_real_space_R                        ? 
_refine.pdbx_density_correlation                 ? 
_refine.pdbx_pd_number_of_powder_patterns        ? 
_refine.pdbx_pd_number_of_points                 ? 
_refine.pdbx_pd_meas_number_of_points            ? 
_refine.pdbx_pd_proc_ls_prof_R_factor            ? 
_refine.pdbx_pd_proc_ls_prof_wR_factor           ? 
_refine.pdbx_pd_Marquardt_correlation_coeff      ? 
_refine.pdbx_pd_Fsqrd_R_factor                   ? 
_refine.pdbx_pd_ls_matrix_band_width             ? 
_refine.pdbx_overall_phase_error                 ? 
_refine.pdbx_overall_SU_R_free_Cruickshank_DPI   ? 
_refine.pdbx_overall_SU_R_free_Blow_DPI          ? 
_refine.pdbx_overall_SU_R_Blow_DPI               ? 
_refine.pdbx_TLS_residual_ADP_flag               ? 
_refine.pdbx_diffrn_id                           1 
_refine.overall_SU_B                             1.310 
_refine.overall_SU_ML                            0.049 
_refine.overall_SU_R_Cruickshank_DPI             ? 
_refine.overall_SU_R_free                        ? 
_refine.overall_FOM_free_R_set                   ? 
_refine.overall_FOM_work_R_set                   ? 
_refine.pdbx_average_fsc_overall                 ? 
_refine.pdbx_average_fsc_work                    ? 
_refine.pdbx_average_fsc_free                    ? 
# 
_refine_hist.pdbx_refine_id                   'X-RAY DIFFRACTION' 
_refine_hist.cycle_id                         LAST 
_refine_hist.pdbx_number_atoms_protein        0 
_refine_hist.pdbx_number_atoms_nucleic_acid   335 
_refine_hist.pdbx_number_atoms_ligand         2 
_refine_hist.number_atoms_solvent             88 
_refine_hist.number_atoms_total               425 
_refine_hist.d_res_high                       1.500 
_refine_hist.d_res_low                        41.862 
# 
loop_
_refine_ls_restr.pdbx_refine_id 
_refine_ls_restr.criterion 
_refine_ls_restr.dev_ideal 
_refine_ls_restr.dev_ideal_target 
_refine_ls_restr.number 
_refine_ls_restr.rejects 
_refine_ls_restr.type 
_refine_ls_restr.weight 
_refine_ls_restr.pdbx_Zscore 
_refine_ls_restr.pdbx_restraint_function 
'X-RAY DIFFRACTION' ? 0.010 0.011  374 ? r_bond_refined_d               ? ? ? 
'X-RAY DIFFRACTION' ? 0.002 0.018  156 ? r_bond_other_d                 ? ? ? 
'X-RAY DIFFRACTION' ? 2.010 1.837  580 ? r_angle_refined_deg            ? ? ? 
'X-RAY DIFFRACTION' ? 0.648 1.643  381 ? r_angle_other_deg              ? ? ? 
'X-RAY DIFFRACTION' ? 0.072 5.000  11  ? r_dihedral_angle_other_2_deg   ? ? ? 
'X-RAY DIFFRACTION' ? 0.089 0.200  78  ? r_chiral_restr                 ? ? ? 
'X-RAY DIFFRACTION' ? 0.029 0.020  185 ? r_gen_planes_refined           ? ? ? 
'X-RAY DIFFRACTION' ? 0.001 0.020  59  ? r_gen_planes_other             ? ? ? 
'X-RAY DIFFRACTION' ? 0.091 0.200  28  ? r_nbd_refined                  ? ? ? 
'X-RAY DIFFRACTION' ? 0.194 0.200  154 ? r_symmetry_nbd_other           ? ? ? 
'X-RAY DIFFRACTION' ? 0.250 0.200  136 ? r_nbtor_refined                ? ? ? 
'X-RAY DIFFRACTION' ? 0.082 0.200  94  ? r_symmetry_nbtor_other         ? ? ? 
'X-RAY DIFFRACTION' ? 0.189 0.200  47  ? r_xyhbond_nbd_refined          ? ? ? 
'X-RAY DIFFRACTION' ? 0.056 0.200  2   ? r_metal_ion_refined            ? ? ? 
'X-RAY DIFFRACTION' ? 0.109 0.200  6   ? r_symmetry_nbd_refined         ? ? ? 
'X-RAY DIFFRACTION' ? 0.124 0.200  71  ? r_nbd_other                    ? ? ? 
'X-RAY DIFFRACTION' ? 0.163 0.200  33  ? r_symmetry_xyhbond_nbd_refined ? ? ? 
'X-RAY DIFFRACTION' ? 1.188 1.121  374 ? r_scbond_it                    ? ? ? 
'X-RAY DIFFRACTION' ? 1.187 1.120  375 ? r_scbond_other                 ? ? ? 
'X-RAY DIFFRACTION' ? 1.745 2.052  580 ? r_scangle_it                   ? ? ? 
'X-RAY DIFFRACTION' ? 1.743 2.051  581 ? r_scangle_other                ? ? ? 
'X-RAY DIFFRACTION' ? 5.570 20.841 526 ? r_lrange_it                    ? ? ? 
'X-RAY DIFFRACTION' ? 5.045 15.539 502 ? r_lrange_other                 ? ? ? 
# 
loop_
_refine_ls_shell.pdbx_refine_id 
_refine_ls_shell.d_res_high 
_refine_ls_shell.d_res_low 
_refine_ls_shell.number_reflns_all 
_refine_ls_shell.number_reflns_obs 
_refine_ls_shell.number_reflns_R_free 
_refine_ls_shell.number_reflns_R_work 
_refine_ls_shell.percent_reflns_obs 
_refine_ls_shell.percent_reflns_R_free 
_refine_ls_shell.R_factor_all 
_refine_ls_shell.R_factor_obs 
_refine_ls_shell.R_factor_R_free_error 
_refine_ls_shell.R_factor_R_work 
_refine_ls_shell.redundancy_reflns_all 
_refine_ls_shell.redundancy_reflns_obs 
_refine_ls_shell.wR_factor_all 
_refine_ls_shell.wR_factor_obs 
_refine_ls_shell.wR_factor_R_free 
_refine_ls_shell.wR_factor_R_work 
_refine_ls_shell.pdbx_R_complete 
_refine_ls_shell.correlation_coeff_Fo_to_Fc 
_refine_ls_shell.correlation_coeff_Fo_to_Fc_free 
_refine_ls_shell.correlation_coeff_I_to_Fcsqd_work 
_refine_ls_shell.correlation_coeff_I_to_Fcsqd_free 
_refine_ls_shell.pdbx_total_number_of_bins_used 
_refine_ls_shell.pdbx_phase_error 
_refine_ls_shell.pdbx_fsc_work 
_refine_ls_shell.pdbx_fsc_free 
_refine_ls_shell.R_factor_R_free 
'X-RAY DIFFRACTION' 1.500 1.539  499 . 12 362 74.9499  . 0.199 . . 0.198 . . . . . 0.173 . . . . . 20 . 0.974 0.956 0.238 
'X-RAY DIFFRACTION' 1.539 1.581  499 . 19 445 92.9860  . 0.179 . . 0.179 . . . . . 0.157 . . . . . 20 . 0.980 0.975 0.182 
'X-RAY DIFFRACTION' 1.581 1.626  455 . 22 429 99.1209  . 0.200 . . 0.195 . . . . . 0.166 . . . . . 20 . 0.974 0.955 0.299 
'X-RAY DIFFRACTION' 1.626 1.676  466 . 25 440 99.7854  . 0.176 . . 0.173 . . . . . 0.150 . . . . . 20 . 0.982 0.970 0.224 
'X-RAY DIFFRACTION' 1.676 1.731  446 . 17 429 100.0000 . 0.178 . . 0.177 . . . . . 0.155 . . . . . 20 . 0.980 0.981 0.198 
'X-RAY DIFFRACTION' 1.731 1.792  438 . 21 417 100.0000 . 0.172 . . 0.169 . . . . . 0.152 . . . . . 20 . 0.981 0.965 0.234 
'X-RAY DIFFRACTION' 1.792 1.859  416 . 22 394 100.0000 . 0.178 . . 0.174 . . . . . 0.160 . . . . . 20 . 0.981 0.945 0.263 
'X-RAY DIFFRACTION' 1.859 1.935  402 . 20 382 100.0000 . 0.171 . . 0.171 . . . . . 0.153 . . . . . 20 . 0.981 0.984 0.173 
'X-RAY DIFFRACTION' 1.935 2.021  382 . 11 371 100.0000 . 0.159 . . 0.156 . . . . . 0.150 . . . . . 20 . 0.985 0.963 0.251 
'X-RAY DIFFRACTION' 2.021 2.119  379 . 23 356 100.0000 . 0.154 . . 0.153 . . . . . 0.144 . . . . . 20 . 0.985 0.983 0.164 
'X-RAY DIFFRACTION' 2.119 2.234  352 . 18 334 100.0000 . 0.186 . . 0.183 . . . . . 0.180 . . . . . 20 . 0.981 0.980 0.237 
'X-RAY DIFFRACTION' 2.234 2.369  336 . 19 317 100.0000 . 0.178 . . 0.175 . . . . . 0.180 . . . . . 20 . 0.983 0.975 0.225 
'X-RAY DIFFRACTION' 2.369 2.532  325 . 24 301 100.0000 . 0.177 . . 0.173 . . . . . 0.177 . . . . . 20 . 0.983 0.971 0.227 
'X-RAY DIFFRACTION' 2.532 2.734  302 . 15 287 100.0000 . 0.200 . . 0.196 . . . . . 0.212 . . . . . 20 . 0.978 0.955 0.288 
'X-RAY DIFFRACTION' 2.734 2.994  277 . 17 260 100.0000 . 0.162 . . 0.157 . . . . . 0.177 . . . . . 20 . 0.984 0.970 0.257 
'X-RAY DIFFRACTION' 2.994 3.345  249 . 12 236 99.5984  . 0.135 . . 0.135 . . . . . 0.176 . . . . . 20 . 0.991 0.995 0.140 
'X-RAY DIFFRACTION' 3.345 3.858  225 . 18 206 99.5556  . 0.151 . . 0.145 . . . . . 0.190 . . . . . 20 . 0.989 0.958 0.244 
'X-RAY DIFFRACTION' 3.858 4.715  198 . 10 188 100.0000 . 0.157 . . 0.156 . . . . . 0.206 . . . . . 20 . 0.988 0.975 0.203 
'X-RAY DIFFRACTION' 4.715 6.626  159 . 9  150 100.0000 . 0.163 . . 0.161 . . . . . 0.223 . . . . . 20 . 0.985 0.992 0.188 
'X-RAY DIFFRACTION' 6.626 41.862 105 . 7  98  100.0000 . 0.164 . . 0.169 . . . . . 0.249 . . . . . 20 . 0.987 0.994 0.111 
# 
_struct.entry_id                     9OKS 
_struct.title                        '16mer self-complementary duplex RNA with dA:U pair sequence 1' 
_struct.pdbx_model_details           ? 
_struct.pdbx_formula_weight          ? 
_struct.pdbx_formula_weight_method   ? 
_struct.pdbx_model_type_details      ? 
_struct.pdbx_CASP_flag               N 
# 
_struct_keywords.entry_id        9OKS 
_struct_keywords.text            'Deoxyribo-purine, RNA duplex, Origin of Life, RNA' 
_struct_keywords.pdbx_keywords   RNA 
# 
loop_
_struct_asym.id 
_struct_asym.pdbx_blank_PDB_chainid_flag 
_struct_asym.pdbx_modified 
_struct_asym.entity_id 
_struct_asym.details 
A N N 1 ? 
B N N 2 ? 
C N N 2 ? 
D N N 3 ? 
# 
_struct_ref.id                         1 
_struct_ref.db_name                    PDB 
_struct_ref.db_code                    9OKS 
_struct_ref.pdbx_db_accession          9OKS 
_struct_ref.pdbx_db_isoform            ? 
_struct_ref.entity_id                  1 
_struct_ref.pdbx_seq_one_letter_code   ? 
_struct_ref.pdbx_align_begin           1 
# 
_struct_ref_seq.align_id                      1 
_struct_ref_seq.ref_id                        1 
_struct_ref_seq.pdbx_PDB_id_code              9OKS 
_struct_ref_seq.pdbx_strand_id                A 
_struct_ref_seq.seq_align_beg                 1 
_struct_ref_seq.pdbx_seq_align_beg_ins_code   ? 
_struct_ref_seq.seq_align_end                 16 
_struct_ref_seq.pdbx_seq_align_end_ins_code   ? 
_struct_ref_seq.pdbx_db_accession             9OKS 
_struct_ref_seq.db_align_beg                  1 
_struct_ref_seq.pdbx_db_align_beg_ins_code    ? 
_struct_ref_seq.db_align_end                  16 
_struct_ref_seq.pdbx_db_align_end_ins_code    ? 
_struct_ref_seq.pdbx_auth_seq_align_beg       1 
_struct_ref_seq.pdbx_auth_seq_align_end       16 
# 
_pdbx_struct_assembly.id                   1 
_pdbx_struct_assembly.details              author_and_software_defined_assembly 
_pdbx_struct_assembly.method_details       PISA 
_pdbx_struct_assembly.oligomeric_details   dimeric 
_pdbx_struct_assembly.oligomeric_count     2 
# 
loop_
_pdbx_struct_assembly_prop.biol_id 
_pdbx_struct_assembly_prop.type 
_pdbx_struct_assembly_prop.value 
_pdbx_struct_assembly_prop.details 
1 'ABSA (A^2)' 1740 ? 
1 MORE         -26  ? 
1 'SSA (A^2)'  5950 ? 
# 
_pdbx_struct_assembly_gen.assembly_id       1 
_pdbx_struct_assembly_gen.oper_expression   1,2 
_pdbx_struct_assembly_gen.asym_id_list      A,B,C,D 
# 
_pdbx_struct_assembly_auth_evidence.id                     1 
_pdbx_struct_assembly_auth_evidence.assembly_id            1 
_pdbx_struct_assembly_auth_evidence.experimental_support   none 
_pdbx_struct_assembly_auth_evidence.details                ? 
# 
loop_
_pdbx_struct_oper_list.id 
_pdbx_struct_oper_list.type 
_pdbx_struct_oper_list.name 
_pdbx_struct_oper_list.symmetry_operation 
_pdbx_struct_oper_list.matrix[1][1] 
_pdbx_struct_oper_list.matrix[1][2] 
_pdbx_struct_oper_list.matrix[1][3] 
_pdbx_struct_oper_list.vector[1] 
_pdbx_struct_oper_list.matrix[2][1] 
_pdbx_struct_oper_list.matrix[2][2] 
_pdbx_struct_oper_list.matrix[2][3] 
_pdbx_struct_oper_list.vector[2] 
_pdbx_struct_oper_list.matrix[3][1] 
_pdbx_struct_oper_list.matrix[3][2] 
_pdbx_struct_oper_list.matrix[3][3] 
_pdbx_struct_oper_list.vector[3] 
1 'identity operation'         1_555 x,y,z  1.0000000000  0.0000000000  0.0000000000  0.0000000000  0.0000000000  1.0000000000  0.0000000000 0.0000000000  0.0000000000  0.0000000000 1.0000000000  0.0000000000  
2 'crystal symmetry operation' 4_555 y,x,-z -0.2939819739 -0.7570857848 -0.5834344124 -2.7205421550 -0.7570857848 -0.1881526189 0.6256354422 -0.8467046794 -0.5834344124 0.6256354422 -0.5178654072 -2.1934320261 
# 
loop_
_struct_conn.id 
_struct_conn.conn_type_id 
_struct_conn.pdbx_leaving_atom_flag 
_struct_conn.pdbx_PDB_id 
_struct_conn.ptnr1_label_asym_id 
_struct_conn.ptnr1_label_comp_id 
_struct_conn.ptnr1_label_seq_id 
_struct_conn.ptnr1_label_atom_id 
_struct_conn.pdbx_ptnr1_label_alt_id 
_struct_conn.pdbx_ptnr1_PDB_ins_code 
_struct_conn.pdbx_ptnr1_standard_comp_id 
_struct_conn.ptnr1_symmetry 
_struct_conn.ptnr2_label_asym_id 
_struct_conn.ptnr2_label_comp_id 
_struct_conn.ptnr2_label_seq_id 
_struct_conn.ptnr2_label_atom_id 
_struct_conn.pdbx_ptnr2_label_alt_id 
_struct_conn.pdbx_ptnr2_PDB_ins_code 
_struct_conn.ptnr1_auth_asym_id 
_struct_conn.ptnr1_auth_comp_id 
_struct_conn.ptnr1_auth_seq_id 
_struct_conn.ptnr2_auth_asym_id 
_struct_conn.ptnr2_auth_comp_id 
_struct_conn.ptnr2_auth_seq_id 
_struct_conn.ptnr2_symmetry 
_struct_conn.pdbx_ptnr3_label_atom_id 
_struct_conn.pdbx_ptnr3_label_seq_id 
_struct_conn.pdbx_ptnr3_label_comp_id 
_struct_conn.pdbx_ptnr3_label_asym_id 
_struct_conn.pdbx_ptnr3_label_alt_id 
_struct_conn.pdbx_ptnr3_PDB_ins_code 
_struct_conn.details 
_struct_conn.pdbx_dist_value 
_struct_conn.pdbx_value_order 
_struct_conn.pdbx_role 
metalc1  metalc ? ? A A  3  N7 ? ? ? 1_555 C MG  .  MG ? ? A A  3   A MG  102 1_555 ? ? ? ? ? ? ?            2.663 ? ? 
metalc2  metalc ? ? B MG .  MG ? ? ? 1_555 D HOH .  O  ? ? A MG 101 A HOH 207 1_555 ? ? ? ? ? ? ?            2.135 ? ? 
metalc3  metalc ? ? B MG .  MG ? ? ? 1_555 D HOH .  O  ? ? A MG 101 A HOH 221 1_555 ? ? ? ? ? ? ?            2.259 ? ? 
metalc4  metalc ? ? B MG .  MG ? ? ? 1_555 D HOH .  O  ? ? A MG 101 A HOH 247 1_555 ? ? ? ? ? ? ?            1.973 ? ? 
metalc5  metalc ? ? B MG .  MG ? ? ? 1_555 D HOH .  O  ? ? A MG 101 A HOH 285 1_555 ? ? ? ? ? ? ?            2.157 ? ? 
metalc6  metalc ? ? B MG .  MG ? ? ? 1_555 D HOH .  O  ? ? A MG 101 A HOH 288 1_555 ? ? ? ? ? ? ?            2.225 ? ? 
metalc7  metalc ? ? C MG .  MG ? ? ? 1_555 D HOH .  O  ? ? A MG 102 A HOH 232 1_555 ? ? ? ? ? ? ?            2.540 ? ? 
metalc8  metalc ? ? C MG .  MG ? ? ? 1_555 D HOH .  O  ? ? A MG 102 A HOH 237 1_555 ? ? ? ? ? ? ?            2.538 ? ? 
metalc9  metalc ? ? C MG .  MG ? ? ? 1_555 D HOH .  O  ? ? A MG 102 A HOH 262 1_555 ? ? ? ? ? ? ?            2.796 ? ? 
metalc10 metalc ? ? C MG .  MG ? ? ? 1_555 D HOH .  O  ? ? A MG 102 A HOH 265 1_555 ? ? ? ? ? ? ?            1.913 ? ? 
metalc11 metalc ? ? C MG .  MG ? ? ? 1_555 D HOH .  O  ? ? A MG 102 A HOH 287 4_555 ? ? ? ? ? ? ?            2.503 ? ? 
hydrog1  hydrog ? ? A A  1  N1 ? ? ? 1_555 A U   16 N3 ? ? A A  1   A U   16  4_555 ? ? ? ? ? ? WATSON-CRICK ?     ? ? 
hydrog2  hydrog ? ? A A  1  N6 ? ? ? 1_555 A U   16 O4 ? ? A A  1   A U   16  4_555 ? ? ? ? ? ? WATSON-CRICK ?     ? ? 
hydrog3  hydrog ? ? A G  2  N1 ? ? ? 1_555 A C   15 N3 ? ? A G  2   A C   15  4_555 ? ? ? ? ? ? WATSON-CRICK ?     ? ? 
hydrog4  hydrog ? ? A G  2  N2 ? ? ? 1_555 A C   15 O2 ? ? A G  2   A C   15  4_555 ? ? ? ? ? ? WATSON-CRICK ?     ? ? 
hydrog5  hydrog ? ? A G  2  O6 ? ? ? 1_555 A C   15 N4 ? ? A G  2   A C   15  4_555 ? ? ? ? ? ? WATSON-CRICK ?     ? ? 
hydrog6  hydrog ? ? A A  3  N1 ? ? ? 1_555 A U   14 N3 ? ? A A  3   A U   14  4_555 ? ? ? ? ? ? WATSON-CRICK ?     ? ? 
hydrog7  hydrog ? ? A A  3  N6 ? ? ? 1_555 A U   14 O4 ? ? A A  3   A U   14  4_555 ? ? ? ? ? ? WATSON-CRICK ?     ? ? 
hydrog8  hydrog ? ? A G  4  N1 ? ? ? 1_555 A C   13 N3 ? ? A G  4   A C   13  4_555 ? ? ? ? ? ? WATSON-CRICK ?     ? ? 
hydrog9  hydrog ? ? A G  4  N2 ? ? ? 1_555 A C   13 O2 ? ? A G  4   A C   13  4_555 ? ? ? ? ? ? WATSON-CRICK ?     ? ? 
hydrog10 hydrog ? ? A G  4  O6 ? ? ? 1_555 A C   13 N4 ? ? A G  4   A C   13  4_555 ? ? ? ? ? ? WATSON-CRICK ?     ? ? 
hydrog11 hydrog ? ? A DA 5  N1 ? ? ? 1_555 A U   12 N3 ? ? A DA 5   A U   12  4_555 ? ? ? ? ? ? WATSON-CRICK ?     ? ? 
hydrog12 hydrog ? ? A DA 5  N6 ? ? ? 1_555 A U   12 O4 ? ? A DA 5   A U   12  4_555 ? ? ? ? ? ? WATSON-CRICK ?     ? ? 
hydrog13 hydrog ? ? A A  6  N1 ? ? ? 1_555 A U   11 N3 ? ? A A  6   A U   11  4_555 ? ? ? ? ? ? WATSON-CRICK ?     ? ? 
hydrog14 hydrog ? ? A A  6  N6 ? ? ? 1_555 A U   11 O4 ? ? A A  6   A U   11  4_555 ? ? ? ? ? ? WATSON-CRICK ?     ? ? 
hydrog15 hydrog ? ? A G  7  N1 ? ? ? 1_555 A C   10 N3 ? ? A G  7   A C   10  4_555 ? ? ? ? ? ? WATSON-CRICK ?     ? ? 
hydrog16 hydrog ? ? A G  7  N2 ? ? ? 1_555 A C   10 O2 ? ? A G  7   A C   10  4_555 ? ? ? ? ? ? WATSON-CRICK ?     ? ? 
hydrog17 hydrog ? ? A G  7  O6 ? ? ? 1_555 A C   10 N4 ? ? A G  7   A C   10  4_555 ? ? ? ? ? ? WATSON-CRICK ?     ? ? 
hydrog18 hydrog ? ? A A  8  N1 ? ? ? 1_555 A U   9  N3 ? ? A A  8   A U   9   4_555 ? ? ? ? ? ? WATSON-CRICK ?     ? ? 
hydrog19 hydrog ? ? A A  8  N6 ? ? ? 1_555 A U   9  O4 ? ? A A  8   A U   9   4_555 ? ? ? ? ? ? WATSON-CRICK ?     ? ? 
hydrog20 hydrog ? ? A U  9  N3 ? ? ? 1_555 A A   8  N1 ? ? A U  9   A A   8   4_555 ? ? ? ? ? ? WATSON-CRICK ?     ? ? 
hydrog21 hydrog ? ? A U  9  O4 ? ? ? 1_555 A A   8  N6 ? ? A U  9   A A   8   4_555 ? ? ? ? ? ? WATSON-CRICK ?     ? ? 
hydrog22 hydrog ? ? A C  10 N3 ? ? ? 1_555 A G   7  N1 ? ? A C  10  A G   7   4_555 ? ? ? ? ? ? WATSON-CRICK ?     ? ? 
hydrog23 hydrog ? ? A C  10 N4 ? ? ? 1_555 A G   7  O6 ? ? A C  10  A G   7   4_555 ? ? ? ? ? ? WATSON-CRICK ?     ? ? 
hydrog24 hydrog ? ? A C  10 O2 ? ? ? 1_555 A G   7  N2 ? ? A C  10  A G   7   4_555 ? ? ? ? ? ? WATSON-CRICK ?     ? ? 
hydrog25 hydrog ? ? A U  11 N3 ? ? ? 1_555 A A   6  N1 ? ? A U  11  A A   6   4_555 ? ? ? ? ? ? WATSON-CRICK ?     ? ? 
hydrog26 hydrog ? ? A U  11 O4 ? ? ? 1_555 A A   6  N6 ? ? A U  11  A A   6   4_555 ? ? ? ? ? ? WATSON-CRICK ?     ? ? 
hydrog27 hydrog ? ? A U  12 N3 ? ? ? 1_555 A DA  5  N1 ? ? A U  12  A DA  5   4_555 ? ? ? ? ? ? WATSON-CRICK ?     ? ? 
hydrog28 hydrog ? ? A U  12 O4 ? ? ? 1_555 A DA  5  N6 ? ? A U  12  A DA  5   4_555 ? ? ? ? ? ? WATSON-CRICK ?     ? ? 
hydrog29 hydrog ? ? A C  13 N3 ? ? ? 1_555 A G   4  N1 ? ? A C  13  A G   4   4_555 ? ? ? ? ? ? WATSON-CRICK ?     ? ? 
hydrog30 hydrog ? ? A C  13 N4 ? ? ? 1_555 A G   4  O6 ? ? A C  13  A G   4   4_555 ? ? ? ? ? ? WATSON-CRICK ?     ? ? 
hydrog31 hydrog ? ? A C  13 O2 ? ? ? 1_555 A G   4  N2 ? ? A C  13  A G   4   4_555 ? ? ? ? ? ? WATSON-CRICK ?     ? ? 
hydrog32 hydrog ? ? A U  14 N3 ? ? ? 1_555 A A   3  N1 ? ? A U  14  A A   3   4_555 ? ? ? ? ? ? WATSON-CRICK ?     ? ? 
hydrog33 hydrog ? ? A U  14 O4 ? ? ? 1_555 A A   3  N6 ? ? A U  14  A A   3   4_555 ? ? ? ? ? ? WATSON-CRICK ?     ? ? 
hydrog34 hydrog ? ? A C  15 N3 ? ? ? 1_555 A G   2  N1 ? ? A C  15  A G   2   4_555 ? ? ? ? ? ? WATSON-CRICK ?     ? ? 
hydrog35 hydrog ? ? A C  15 N4 ? ? ? 1_555 A G   2  O6 ? ? A C  15  A G   2   4_555 ? ? ? ? ? ? WATSON-CRICK ?     ? ? 
hydrog36 hydrog ? ? A C  15 O2 ? ? ? 1_555 A G   2  N2 ? ? A C  15  A G   2   4_555 ? ? ? ? ? ? WATSON-CRICK ?     ? ? 
hydrog37 hydrog ? ? A U  16 N3 ? ? ? 1_555 A A   1  N1 ? ? A U  16  A A   1   4_555 ? ? ? ? ? ? WATSON-CRICK ?     ? ? 
hydrog38 hydrog ? ? A U  16 O4 ? ? ? 1_555 A A   1  N6 ? ? A U  16  A A   1   4_555 ? ? ? ? ? ? WATSON-CRICK ?     ? ? 
# 
loop_
_struct_conn_type.id 
_struct_conn_type.criteria 
_struct_conn_type.reference 
metalc ? ? 
hydrog ? ? 
# 
loop_
_pdbx_struct_conn_angle.id 
_pdbx_struct_conn_angle.ptnr1_label_atom_id 
_pdbx_struct_conn_angle.ptnr1_label_alt_id 
_pdbx_struct_conn_angle.ptnr1_label_asym_id 
_pdbx_struct_conn_angle.ptnr1_label_comp_id 
_pdbx_struct_conn_angle.ptnr1_label_seq_id 
_pdbx_struct_conn_angle.ptnr1_auth_atom_id 
_pdbx_struct_conn_angle.ptnr1_auth_asym_id 
_pdbx_struct_conn_angle.ptnr1_auth_comp_id 
_pdbx_struct_conn_angle.ptnr1_auth_seq_id 
_pdbx_struct_conn_angle.ptnr1_PDB_ins_code 
_pdbx_struct_conn_angle.ptnr1_symmetry 
_pdbx_struct_conn_angle.ptnr2_label_atom_id 
_pdbx_struct_conn_angle.ptnr2_label_alt_id 
_pdbx_struct_conn_angle.ptnr2_label_asym_id 
_pdbx_struct_conn_angle.ptnr2_label_comp_id 
_pdbx_struct_conn_angle.ptnr2_label_seq_id 
_pdbx_struct_conn_angle.ptnr2_auth_atom_id 
_pdbx_struct_conn_angle.ptnr2_auth_asym_id 
_pdbx_struct_conn_angle.ptnr2_auth_comp_id 
_pdbx_struct_conn_angle.ptnr2_auth_seq_id 
_pdbx_struct_conn_angle.ptnr2_PDB_ins_code 
_pdbx_struct_conn_angle.ptnr2_symmetry 
_pdbx_struct_conn_angle.ptnr3_label_atom_id 
_pdbx_struct_conn_angle.ptnr3_label_alt_id 
_pdbx_struct_conn_angle.ptnr3_label_asym_id 
_pdbx_struct_conn_angle.ptnr3_label_comp_id 
_pdbx_struct_conn_angle.ptnr3_label_seq_id 
_pdbx_struct_conn_angle.ptnr3_auth_atom_id 
_pdbx_struct_conn_angle.ptnr3_auth_asym_id 
_pdbx_struct_conn_angle.ptnr3_auth_comp_id 
_pdbx_struct_conn_angle.ptnr3_auth_seq_id 
_pdbx_struct_conn_angle.ptnr3_PDB_ins_code 
_pdbx_struct_conn_angle.ptnr3_symmetry 
_pdbx_struct_conn_angle.value 
_pdbx_struct_conn_angle.value_esd 
1  N7 ? A A   3 ? A A   3   ? 1_555 MG ? C MG . ? A MG 102 ? 1_555 O ? D HOH . ? A HOH 232 ? 1_555 89.9  ? 
2  N7 ? A A   3 ? A A   3   ? 1_555 MG ? C MG . ? A MG 102 ? 1_555 O ? D HOH . ? A HOH 237 ? 1_555 94.6  ? 
3  O  ? D HOH . ? A HOH 232 ? 1_555 MG ? C MG . ? A MG 102 ? 1_555 O ? D HOH . ? A HOH 237 ? 1_555 158.4 ? 
4  N7 ? A A   3 ? A A   3   ? 1_555 MG ? C MG . ? A MG 102 ? 1_555 O ? D HOH . ? A HOH 262 ? 1_555 85.8  ? 
5  O  ? D HOH . ? A HOH 232 ? 1_555 MG ? C MG . ? A MG 102 ? 1_555 O ? D HOH . ? A HOH 262 ? 1_555 84.0  ? 
6  O  ? D HOH . ? A HOH 237 ? 1_555 MG ? C MG . ? A MG 102 ? 1_555 O ? D HOH . ? A HOH 262 ? 1_555 75.3  ? 
7  N7 ? A A   3 ? A A   3   ? 1_555 MG ? C MG . ? A MG 102 ? 1_555 O ? D HOH . ? A HOH 265 ? 1_555 93.8  ? 
8  O  ? D HOH . ? A HOH 232 ? 1_555 MG ? C MG . ? A MG 102 ? 1_555 O ? D HOH . ? A HOH 265 ? 1_555 94.7  ? 
9  O  ? D HOH . ? A HOH 237 ? 1_555 MG ? C MG . ? A MG 102 ? 1_555 O ? D HOH . ? A HOH 265 ? 1_555 106.0 ? 
10 O  ? D HOH . ? A HOH 262 ? 1_555 MG ? C MG . ? A MG 102 ? 1_555 O ? D HOH . ? A HOH 265 ? 1_555 178.7 ? 
11 N7 ? A A   3 ? A A   3   ? 1_555 MG ? C MG . ? A MG 102 ? 1_555 O ? D HOH . ? A HOH 287 ? 4_555 162.1 ? 
12 O  ? D HOH . ? A HOH 232 ? 1_555 MG ? C MG . ? A MG 102 ? 1_555 O ? D HOH . ? A HOH 287 ? 4_555 80.5  ? 
13 O  ? D HOH . ? A HOH 237 ? 1_555 MG ? C MG . ? A MG 102 ? 1_555 O ? D HOH . ? A HOH 287 ? 4_555 89.1  ? 
14 O  ? D HOH . ? A HOH 262 ? 1_555 MG ? C MG . ? A MG 102 ? 1_555 O ? D HOH . ? A HOH 287 ? 4_555 78.3  ? 
15 O  ? D HOH . ? A HOH 265 ? 1_555 MG ? C MG . ? A MG 102 ? 1_555 O ? D HOH . ? A HOH 287 ? 4_555 102.0 ? 
16 O  ? D HOH . ? A HOH 207 ? 1_555 MG ? B MG . ? A MG 101 ? 1_555 O ? D HOH . ? A HOH 221 ? 1_555 101.9 ? 
17 O  ? D HOH . ? A HOH 207 ? 1_555 MG ? B MG . ? A MG 101 ? 1_555 O ? D HOH . ? A HOH 247 ? 1_555 104.2 ? 
18 O  ? D HOH . ? A HOH 221 ? 1_555 MG ? B MG . ? A MG 101 ? 1_555 O ? D HOH . ? A HOH 247 ? 1_555 86.6  ? 
19 O  ? D HOH . ? A HOH 207 ? 1_555 MG ? B MG . ? A MG 101 ? 1_555 O ? D HOH . ? A HOH 285 ? 1_555 74.1  ? 
20 O  ? D HOH . ? A HOH 221 ? 1_555 MG ? B MG . ? A MG 101 ? 1_555 O ? D HOH . ? A HOH 285 ? 1_555 95.2  ? 
21 O  ? D HOH . ? A HOH 247 ? 1_555 MG ? B MG . ? A MG 101 ? 1_555 O ? D HOH . ? A HOH 285 ? 1_555 177.7 ? 
22 O  ? D HOH . ? A HOH 207 ? 1_555 MG ? B MG . ? A MG 101 ? 1_555 O ? D HOH . ? A HOH 288 ? 1_555 85.4  ? 
23 O  ? D HOH . ? A HOH 221 ? 1_555 MG ? B MG . ? A MG 101 ? 1_555 O ? D HOH . ? A HOH 288 ? 1_555 170.0 ? 
24 O  ? D HOH . ? A HOH 247 ? 1_555 MG ? B MG . ? A MG 101 ? 1_555 O ? D HOH . ? A HOH 288 ? 1_555 98.3  ? 
25 O  ? D HOH . ? A HOH 285 ? 1_555 MG ? B MG . ? A MG 101 ? 1_555 O ? D HOH . ? A HOH 288 ? 1_555 80.1  ? 
# 
_pdbx_entry_details.entry_id                   9OKS 
_pdbx_entry_details.nonpolymer_details         ? 
_pdbx_entry_details.sequence_details           ? 
_pdbx_entry_details.compound_details           ? 
_pdbx_entry_details.source_details             ? 
_pdbx_entry_details.has_ligand_of_interest     N 
_pdbx_entry_details.has_protein_modification   N 
# 
loop_
_pdbx_validate_rmsd_angle.id 
_pdbx_validate_rmsd_angle.PDB_model_num 
_pdbx_validate_rmsd_angle.auth_atom_id_1 
_pdbx_validate_rmsd_angle.auth_asym_id_1 
_pdbx_validate_rmsd_angle.auth_comp_id_1 
_pdbx_validate_rmsd_angle.auth_seq_id_1 
_pdbx_validate_rmsd_angle.PDB_ins_code_1 
_pdbx_validate_rmsd_angle.label_alt_id_1 
_pdbx_validate_rmsd_angle.auth_atom_id_2 
_pdbx_validate_rmsd_angle.auth_asym_id_2 
_pdbx_validate_rmsd_angle.auth_comp_id_2 
_pdbx_validate_rmsd_angle.auth_seq_id_2 
_pdbx_validate_rmsd_angle.PDB_ins_code_2 
_pdbx_validate_rmsd_angle.label_alt_id_2 
_pdbx_validate_rmsd_angle.auth_atom_id_3 
_pdbx_validate_rmsd_angle.auth_asym_id_3 
_pdbx_validate_rmsd_angle.auth_comp_id_3 
_pdbx_validate_rmsd_angle.auth_seq_id_3 
_pdbx_validate_rmsd_angle.PDB_ins_code_3 
_pdbx_validate_rmsd_angle.label_alt_id_3 
_pdbx_validate_rmsd_angle.angle_value 
_pdbx_validate_rmsd_angle.angle_target_value 
_pdbx_validate_rmsd_angle.angle_deviation 
_pdbx_validate_rmsd_angle.angle_standard_deviation 
_pdbx_validate_rmsd_angle.linker_flag 
1 1 "O5'" A U 11 ? ? P A U 11 ? ? OP2 A U 11 ? ? 98.15  105.70 -7.55 0.90 N 
2 1 "O5'" A C 13 ? ? P A C 13 ? ? OP2 A C 13 ? ? 100.15 105.70 -5.55 0.90 N 
# 
_pdbx_validate_planes.id              1 
_pdbx_validate_planes.PDB_model_num   1 
_pdbx_validate_planes.auth_comp_id    C 
_pdbx_validate_planes.auth_asym_id    A 
_pdbx_validate_planes.auth_seq_id     15 
_pdbx_validate_planes.PDB_ins_code    ? 
_pdbx_validate_planes.label_alt_id    ? 
_pdbx_validate_planes.rmsd            0.063 
_pdbx_validate_planes.type            'SIDE CHAIN' 
# 
loop_
_pdbx_struct_special_symmetry.id 
_pdbx_struct_special_symmetry.PDB_model_num 
_pdbx_struct_special_symmetry.auth_asym_id 
_pdbx_struct_special_symmetry.auth_comp_id 
_pdbx_struct_special_symmetry.auth_seq_id 
_pdbx_struct_special_symmetry.PDB_ins_code 
_pdbx_struct_special_symmetry.label_asym_id 
_pdbx_struct_special_symmetry.label_comp_id 
_pdbx_struct_special_symmetry.label_seq_id 
1 1 A HOH 241 ? D HOH . 
2 1 A HOH 242 ? D HOH . 
3 1 A HOH 251 ? D HOH . 
4 1 A HOH 260 ? D HOH . 
5 1 A HOH 282 ? D HOH . 
# 
loop_
_chem_comp_atom.comp_id 
_chem_comp_atom.atom_id 
_chem_comp_atom.type_symbol 
_chem_comp_atom.pdbx_aromatic_flag 
_chem_comp_atom.pdbx_stereo_config 
_chem_comp_atom.pdbx_ordinal 
A   OP3    O  N N 1   
A   P      P  N N 2   
A   OP1    O  N N 3   
A   OP2    O  N N 4   
A   "O5'"  O  N N 5   
A   "C5'"  C  N N 6   
A   "C4'"  C  N R 7   
A   "O4'"  O  N N 8   
A   "C3'"  C  N S 9   
A   "O3'"  O  N N 10  
A   "C2'"  C  N R 11  
A   "O2'"  O  N N 12  
A   "C1'"  C  N R 13  
A   N9     N  Y N 14  
A   C8     C  Y N 15  
A   N7     N  Y N 16  
A   C5     C  Y N 17  
A   C6     C  Y N 18  
A   N6     N  N N 19  
A   N1     N  Y N 20  
A   C2     C  Y N 21  
A   N3     N  Y N 22  
A   C4     C  Y N 23  
A   HOP3   H  N N 24  
A   HOP2   H  N N 25  
A   "H5'"  H  N N 26  
A   "H5''" H  N N 27  
A   "H4'"  H  N N 28  
A   "H3'"  H  N N 29  
A   "HO3'" H  N N 30  
A   "H2'"  H  N N 31  
A   "HO2'" H  N N 32  
A   "H1'"  H  N N 33  
A   H8     H  N N 34  
A   H61    H  N N 35  
A   H62    H  N N 36  
A   H2     H  N N 37  
C   OP3    O  N N 38  
C   P      P  N N 39  
C   OP1    O  N N 40  
C   OP2    O  N N 41  
C   "O5'"  O  N N 42  
C   "C5'"  C  N N 43  
C   "C4'"  C  N R 44  
C   "O4'"  O  N N 45  
C   "C3'"  C  N S 46  
C   "O3'"  O  N N 47  
C   "C2'"  C  N R 48  
C   "O2'"  O  N N 49  
C   "C1'"  C  N R 50  
C   N1     N  N N 51  
C   C2     C  N N 52  
C   O2     O  N N 53  
C   N3     N  N N 54  
C   C4     C  N N 55  
C   N4     N  N N 56  
C   C5     C  N N 57  
C   C6     C  N N 58  
C   HOP3   H  N N 59  
C   HOP2   H  N N 60  
C   "H5'"  H  N N 61  
C   "H5''" H  N N 62  
C   "H4'"  H  N N 63  
C   "H3'"  H  N N 64  
C   "HO3'" H  N N 65  
C   "H2'"  H  N N 66  
C   "HO2'" H  N N 67  
C   "H1'"  H  N N 68  
C   H41    H  N N 69  
C   H42    H  N N 70  
C   H5     H  N N 71  
C   H6     H  N N 72  
DA  OP3    O  N N 73  
DA  P      P  N N 74  
DA  OP1    O  N N 75  
DA  OP2    O  N N 76  
DA  "O5'"  O  N N 77  
DA  "C5'"  C  N N 78  
DA  "C4'"  C  N R 79  
DA  "O4'"  O  N N 80  
DA  "C3'"  C  N S 81  
DA  "O3'"  O  N N 82  
DA  "C2'"  C  N N 83  
DA  "C1'"  C  N R 84  
DA  N9     N  Y N 85  
DA  C8     C  Y N 86  
DA  N7     N  Y N 87  
DA  C5     C  Y N 88  
DA  C6     C  Y N 89  
DA  N6     N  N N 90  
DA  N1     N  Y N 91  
DA  C2     C  Y N 92  
DA  N3     N  Y N 93  
DA  C4     C  Y N 94  
DA  HOP3   H  N N 95  
DA  HOP2   H  N N 96  
DA  "H5'"  H  N N 97  
DA  "H5''" H  N N 98  
DA  "H4'"  H  N N 99  
DA  "H3'"  H  N N 100 
DA  "HO3'" H  N N 101 
DA  "H2'"  H  N N 102 
DA  "H2''" H  N N 103 
DA  "H1'"  H  N N 104 
DA  H8     H  N N 105 
DA  H61    H  N N 106 
DA  H62    H  N N 107 
DA  H2     H  N N 108 
G   OP3    O  N N 109 
G   P      P  N N 110 
G   OP1    O  N N 111 
G   OP2    O  N N 112 
G   "O5'"  O  N N 113 
G   "C5'"  C  N N 114 
G   "C4'"  C  N R 115 
G   "O4'"  O  N N 116 
G   "C3'"  C  N S 117 
G   "O3'"  O  N N 118 
G   "C2'"  C  N R 119 
G   "O2'"  O  N N 120 
G   "C1'"  C  N R 121 
G   N9     N  Y N 122 
G   C8     C  Y N 123 
G   N7     N  Y N 124 
G   C5     C  Y N 125 
G   C6     C  N N 126 
G   O6     O  N N 127 
G   N1     N  N N 128 
G   C2     C  N N 129 
G   N2     N  N N 130 
G   N3     N  N N 131 
G   C4     C  Y N 132 
G   HOP3   H  N N 133 
G   HOP2   H  N N 134 
G   "H5'"  H  N N 135 
G   "H5''" H  N N 136 
G   "H4'"  H  N N 137 
G   "H3'"  H  N N 138 
G   "HO3'" H  N N 139 
G   "H2'"  H  N N 140 
G   "HO2'" H  N N 141 
G   "H1'"  H  N N 142 
G   H8     H  N N 143 
G   H1     H  N N 144 
G   H21    H  N N 145 
G   H22    H  N N 146 
HOH O      O  N N 147 
HOH H1     H  N N 148 
HOH H2     H  N N 149 
MG  MG     MG N N 150 
U   OP3    O  N N 151 
U   P      P  N N 152 
U   OP1    O  N N 153 
U   OP2    O  N N 154 
U   "O5'"  O  N N 155 
U   "C5'"  C  N N 156 
U   "C4'"  C  N R 157 
U   "O4'"  O  N N 158 
U   "C3'"  C  N S 159 
U   "O3'"  O  N N 160 
U   "C2'"  C  N R 161 
U   "O2'"  O  N N 162 
U   "C1'"  C  N R 163 
U   N1     N  N N 164 
U   C2     C  N N 165 
U   O2     O  N N 166 
U   N3     N  N N 167 
U   C4     C  N N 168 
U   O4     O  N N 169 
U   C5     C  N N 170 
U   C6     C  N N 171 
U   HOP3   H  N N 172 
U   HOP2   H  N N 173 
U   "H5'"  H  N N 174 
U   "H5''" H  N N 175 
U   "H4'"  H  N N 176 
U   "H3'"  H  N N 177 
U   "HO3'" H  N N 178 
U   "H2'"  H  N N 179 
U   "HO2'" H  N N 180 
U   "H1'"  H  N N 181 
U   H3     H  N N 182 
U   H5     H  N N 183 
U   H6     H  N N 184 
# 
loop_
_chem_comp_bond.comp_id 
_chem_comp_bond.atom_id_1 
_chem_comp_bond.atom_id_2 
_chem_comp_bond.value_order 
_chem_comp_bond.pdbx_aromatic_flag 
_chem_comp_bond.pdbx_stereo_config 
_chem_comp_bond.pdbx_ordinal 
A   OP3   P      sing N N 1   
A   OP3   HOP3   sing N N 2   
A   P     OP1    doub N N 3   
A   P     OP2    sing N N 4   
A   P     "O5'"  sing N N 5   
A   OP2   HOP2   sing N N 6   
A   "O5'" "C5'"  sing N N 7   
A   "C5'" "C4'"  sing N N 8   
A   "C5'" "H5'"  sing N N 9   
A   "C5'" "H5''" sing N N 10  
A   "C4'" "O4'"  sing N N 11  
A   "C4'" "C3'"  sing N N 12  
A   "C4'" "H4'"  sing N N 13  
A   "O4'" "C1'"  sing N N 14  
A   "C3'" "O3'"  sing N N 15  
A   "C3'" "C2'"  sing N N 16  
A   "C3'" "H3'"  sing N N 17  
A   "O3'" "HO3'" sing N N 18  
A   "C2'" "O2'"  sing N N 19  
A   "C2'" "C1'"  sing N N 20  
A   "C2'" "H2'"  sing N N 21  
A   "O2'" "HO2'" sing N N 22  
A   "C1'" N9     sing N N 23  
A   "C1'" "H1'"  sing N N 24  
A   N9    C8     sing Y N 25  
A   N9    C4     sing Y N 26  
A   C8    N7     doub Y N 27  
A   C8    H8     sing N N 28  
A   N7    C5     sing Y N 29  
A   C5    C6     sing Y N 30  
A   C5    C4     doub Y N 31  
A   C6    N6     sing N N 32  
A   C6    N1     doub Y N 33  
A   N6    H61    sing N N 34  
A   N6    H62    sing N N 35  
A   N1    C2     sing Y N 36  
A   C2    N3     doub Y N 37  
A   C2    H2     sing N N 38  
A   N3    C4     sing Y N 39  
C   OP3   P      sing N N 40  
C   OP3   HOP3   sing N N 41  
C   P     OP1    doub N N 42  
C   P     OP2    sing N N 43  
C   P     "O5'"  sing N N 44  
C   OP2   HOP2   sing N N 45  
C   "O5'" "C5'"  sing N N 46  
C   "C5'" "C4'"  sing N N 47  
C   "C5'" "H5'"  sing N N 48  
C   "C5'" "H5''" sing N N 49  
C   "C4'" "O4'"  sing N N 50  
C   "C4'" "C3'"  sing N N 51  
C   "C4'" "H4'"  sing N N 52  
C   "O4'" "C1'"  sing N N 53  
C   "C3'" "O3'"  sing N N 54  
C   "C3'" "C2'"  sing N N 55  
C   "C3'" "H3'"  sing N N 56  
C   "O3'" "HO3'" sing N N 57  
C   "C2'" "O2'"  sing N N 58  
C   "C2'" "C1'"  sing N N 59  
C   "C2'" "H2'"  sing N N 60  
C   "O2'" "HO2'" sing N N 61  
C   "C1'" N1     sing N N 62  
C   "C1'" "H1'"  sing N N 63  
C   N1    C2     sing N N 64  
C   N1    C6     sing N N 65  
C   C2    O2     doub N N 66  
C   C2    N3     sing N N 67  
C   N3    C4     doub N N 68  
C   C4    N4     sing N N 69  
C   C4    C5     sing N N 70  
C   N4    H41    sing N N 71  
C   N4    H42    sing N N 72  
C   C5    C6     doub N N 73  
C   C5    H5     sing N N 74  
C   C6    H6     sing N N 75  
DA  OP3   P      sing N N 76  
DA  OP3   HOP3   sing N N 77  
DA  P     OP1    doub N N 78  
DA  P     OP2    sing N N 79  
DA  P     "O5'"  sing N N 80  
DA  OP2   HOP2   sing N N 81  
DA  "O5'" "C5'"  sing N N 82  
DA  "C5'" "C4'"  sing N N 83  
DA  "C5'" "H5'"  sing N N 84  
DA  "C5'" "H5''" sing N N 85  
DA  "C4'" "O4'"  sing N N 86  
DA  "C4'" "C3'"  sing N N 87  
DA  "C4'" "H4'"  sing N N 88  
DA  "O4'" "C1'"  sing N N 89  
DA  "C3'" "O3'"  sing N N 90  
DA  "C3'" "C2'"  sing N N 91  
DA  "C3'" "H3'"  sing N N 92  
DA  "O3'" "HO3'" sing N N 93  
DA  "C2'" "C1'"  sing N N 94  
DA  "C2'" "H2'"  sing N N 95  
DA  "C2'" "H2''" sing N N 96  
DA  "C1'" N9     sing N N 97  
DA  "C1'" "H1'"  sing N N 98  
DA  N9    C8     sing Y N 99  
DA  N9    C4     sing Y N 100 
DA  C8    N7     doub Y N 101 
DA  C8    H8     sing N N 102 
DA  N7    C5     sing Y N 103 
DA  C5    C6     sing Y N 104 
DA  C5    C4     doub Y N 105 
DA  C6    N6     sing N N 106 
DA  C6    N1     doub Y N 107 
DA  N6    H61    sing N N 108 
DA  N6    H62    sing N N 109 
DA  N1    C2     sing Y N 110 
DA  C2    N3     doub Y N 111 
DA  C2    H2     sing N N 112 
DA  N3    C4     sing Y N 113 
G   OP3   P      sing N N 114 
G   OP3   HOP3   sing N N 115 
G   P     OP1    doub N N 116 
G   P     OP2    sing N N 117 
G   P     "O5'"  sing N N 118 
G   OP2   HOP2   sing N N 119 
G   "O5'" "C5'"  sing N N 120 
G   "C5'" "C4'"  sing N N 121 
G   "C5'" "H5'"  sing N N 122 
G   "C5'" "H5''" sing N N 123 
G   "C4'" "O4'"  sing N N 124 
G   "C4'" "C3'"  sing N N 125 
G   "C4'" "H4'"  sing N N 126 
G   "O4'" "C1'"  sing N N 127 
G   "C3'" "O3'"  sing N N 128 
G   "C3'" "C2'"  sing N N 129 
G   "C3'" "H3'"  sing N N 130 
G   "O3'" "HO3'" sing N N 131 
G   "C2'" "O2'"  sing N N 132 
G   "C2'" "C1'"  sing N N 133 
G   "C2'" "H2'"  sing N N 134 
G   "O2'" "HO2'" sing N N 135 
G   "C1'" N9     sing N N 136 
G   "C1'" "H1'"  sing N N 137 
G   N9    C8     sing Y N 138 
G   N9    C4     sing Y N 139 
G   C8    N7     doub Y N 140 
G   C8    H8     sing N N 141 
G   N7    C5     sing Y N 142 
G   C5    C6     sing N N 143 
G   C5    C4     doub Y N 144 
G   C6    O6     doub N N 145 
G   C6    N1     sing N N 146 
G   N1    C2     sing N N 147 
G   N1    H1     sing N N 148 
G   C2    N2     sing N N 149 
G   C2    N3     doub N N 150 
G   N2    H21    sing N N 151 
G   N2    H22    sing N N 152 
G   N3    C4     sing N N 153 
HOH O     H1     sing N N 154 
HOH O     H2     sing N N 155 
U   OP3   P      sing N N 156 
U   OP3   HOP3   sing N N 157 
U   P     OP1    doub N N 158 
U   P     OP2    sing N N 159 
U   P     "O5'"  sing N N 160 
U   OP2   HOP2   sing N N 161 
U   "O5'" "C5'"  sing N N 162 
U   "C5'" "C4'"  sing N N 163 
U   "C5'" "H5'"  sing N N 164 
U   "C5'" "H5''" sing N N 165 
U   "C4'" "O4'"  sing N N 166 
U   "C4'" "C3'"  sing N N 167 
U   "C4'" "H4'"  sing N N 168 
U   "O4'" "C1'"  sing N N 169 
U   "C3'" "O3'"  sing N N 170 
U   "C3'" "C2'"  sing N N 171 
U   "C3'" "H3'"  sing N N 172 
U   "O3'" "HO3'" sing N N 173 
U   "C2'" "O2'"  sing N N 174 
U   "C2'" "C1'"  sing N N 175 
U   "C2'" "H2'"  sing N N 176 
U   "O2'" "HO2'" sing N N 177 
U   "C1'" N1     sing N N 178 
U   "C1'" "H1'"  sing N N 179 
U   N1    C2     sing N N 180 
U   N1    C6     sing N N 181 
U   C2    O2     doub N N 182 
U   C2    N3     sing N N 183 
U   N3    C4     sing N N 184 
U   N3    H3     sing N N 185 
U   C4    O4     doub N N 186 
U   C4    C5     sing N N 187 
U   C5    C6     doub N N 188 
U   C5    H5     sing N N 189 
U   C6    H6     sing N N 190 
# 
_ndb_struct_conf_na.entry_id   9OKS 
_ndb_struct_conf_na.feature    'a-form double helix' 
# 
loop_
_ndb_struct_na_base_pair.model_number 
_ndb_struct_na_base_pair.i_label_asym_id 
_ndb_struct_na_base_pair.i_label_comp_id 
_ndb_struct_na_base_pair.i_label_seq_id 
_ndb_struct_na_base_pair.i_symmetry 
_ndb_struct_na_base_pair.j_label_asym_id 
_ndb_struct_na_base_pair.j_label_comp_id 
_ndb_struct_na_base_pair.j_label_seq_id 
_ndb_struct_na_base_pair.j_symmetry 
_ndb_struct_na_base_pair.shear 
_ndb_struct_na_base_pair.stretch 
_ndb_struct_na_base_pair.stagger 
_ndb_struct_na_base_pair.buckle 
_ndb_struct_na_base_pair.propeller 
_ndb_struct_na_base_pair.opening 
_ndb_struct_na_base_pair.pair_number 
_ndb_struct_na_base_pair.pair_name 
_ndb_struct_na_base_pair.i_auth_asym_id 
_ndb_struct_na_base_pair.i_auth_seq_id 
_ndb_struct_na_base_pair.i_PDB_ins_code 
_ndb_struct_na_base_pair.j_auth_asym_id 
_ndb_struct_na_base_pair.j_auth_seq_id 
_ndb_struct_na_base_pair.j_PDB_ins_code 
_ndb_struct_na_base_pair.hbond_type_28 
_ndb_struct_na_base_pair.hbond_type_12 
1 A A  1  1_555 A U  16 4_555 -0.059 -0.139 0.084  -1.594  -9.284  0.982  1  A_A1:U16_A  A 1  ? A 16 ? 20 1 
1 A G  2  1_555 A C  15 4_555 -0.197 -0.198 -0.153 -4.414  -14.170 -0.830 2  A_G2:C15_A  A 2  ? A 15 ? 19 1 
1 A A  3  1_555 A U  14 4_555 0.116  -0.135 -0.059 -2.696  -13.243 1.511  3  A_A3:U14_A  A 3  ? A 14 ? 20 1 
1 A G  4  1_555 A C  13 4_555 -0.371 -0.173 -0.152 -2.398  -9.636  -1.613 4  A_G4:C13_A  A 4  ? A 13 ? 19 1 
1 A DA 5  1_555 A U  12 4_555 0.069  -0.183 -0.106 -4.181  -9.228  3.205  5  A_DA5:U12_A A 5  ? A 12 ? 20 1 
1 A A  6  1_555 A U  11 4_555 -0.100 -0.140 -0.143 -10.066 -15.976 3.721  6  A_A6:U11_A  A 6  ? A 11 ? 20 1 
1 A G  7  1_555 A C  10 4_555 -0.206 -0.108 0.030  -5.134  -8.043  -0.626 7  A_G7:C10_A  A 7  ? A 10 ? 19 1 
1 A A  8  1_555 A U  9  4_555 -0.088 -0.154 -0.095 -1.048  -14.247 0.988  8  A_A8:U9_A   A 8  ? A 9  ? 20 1 
1 A U  9  1_555 A A  8  4_555 0.088  -0.154 -0.095 1.048   -14.247 0.988  9  A_U9:A8_A   A 9  ? A 8  ? 20 1 
1 A C  10 1_555 A G  7  4_555 0.206  -0.108 0.030  5.134   -8.043  -0.626 10 A_C10:G7_A  A 10 ? A 7  ? 19 1 
1 A U  11 1_555 A A  6  4_555 0.100  -0.140 -0.143 10.066  -15.976 3.721  11 A_U11:A6_A  A 11 ? A 6  ? 20 1 
1 A U  12 1_555 A DA 5  4_555 -0.069 -0.183 -0.106 4.181   -9.228  3.205  12 A_U12:DA5_A A 12 ? A 5  ? 20 1 
1 A C  13 1_555 A G  4  4_555 0.371  -0.173 -0.152 2.398   -9.636  -1.613 13 A_C13:G4_A  A 13 ? A 4  ? 19 1 
1 A U  14 1_555 A A  3  4_555 -0.116 -0.135 -0.059 2.696   -13.243 1.511  14 A_U14:A3_A  A 14 ? A 3  ? 20 1 
1 A C  15 1_555 A G  2  4_555 0.197  -0.198 -0.153 4.414   -14.170 -0.830 15 A_C15:G2_A  A 15 ? A 2  ? 19 1 
1 A U  16 1_555 A A  1  4_555 0.059  -0.139 0.084  1.594   -9.284  0.982  16 A_U16:A1_A  A 16 ? A 1  ? 20 1 
# 
loop_
_ndb_struct_na_base_pair_step.model_number 
_ndb_struct_na_base_pair_step.i_label_asym_id_1 
_ndb_struct_na_base_pair_step.i_label_comp_id_1 
_ndb_struct_na_base_pair_step.i_label_seq_id_1 
_ndb_struct_na_base_pair_step.i_symmetry_1 
_ndb_struct_na_base_pair_step.j_label_asym_id_1 
_ndb_struct_na_base_pair_step.j_label_comp_id_1 
_ndb_struct_na_base_pair_step.j_label_seq_id_1 
_ndb_struct_na_base_pair_step.j_symmetry_1 
_ndb_struct_na_base_pair_step.i_label_asym_id_2 
_ndb_struct_na_base_pair_step.i_label_comp_id_2 
_ndb_struct_na_base_pair_step.i_label_seq_id_2 
_ndb_struct_na_base_pair_step.i_symmetry_2 
_ndb_struct_na_base_pair_step.j_label_asym_id_2 
_ndb_struct_na_base_pair_step.j_label_comp_id_2 
_ndb_struct_na_base_pair_step.j_label_seq_id_2 
_ndb_struct_na_base_pair_step.j_symmetry_2 
_ndb_struct_na_base_pair_step.shift 
_ndb_struct_na_base_pair_step.slide 
_ndb_struct_na_base_pair_step.rise 
_ndb_struct_na_base_pair_step.tilt 
_ndb_struct_na_base_pair_step.roll 
_ndb_struct_na_base_pair_step.twist 
_ndb_struct_na_base_pair_step.x_displacement 
_ndb_struct_na_base_pair_step.y_displacement 
_ndb_struct_na_base_pair_step.helical_rise 
_ndb_struct_na_base_pair_step.inclination 
_ndb_struct_na_base_pair_step.tip 
_ndb_struct_na_base_pair_step.helical_twist 
_ndb_struct_na_base_pair_step.step_number 
_ndb_struct_na_base_pair_step.step_name 
_ndb_struct_na_base_pair_step.i_auth_asym_id_1 
_ndb_struct_na_base_pair_step.i_auth_seq_id_1 
_ndb_struct_na_base_pair_step.i_PDB_ins_code_1 
_ndb_struct_na_base_pair_step.j_auth_asym_id_1 
_ndb_struct_na_base_pair_step.j_auth_seq_id_1 
_ndb_struct_na_base_pair_step.j_PDB_ins_code_1 
_ndb_struct_na_base_pair_step.i_auth_asym_id_2 
_ndb_struct_na_base_pair_step.i_auth_seq_id_2 
_ndb_struct_na_base_pair_step.i_PDB_ins_code_2 
_ndb_struct_na_base_pair_step.j_auth_asym_id_2 
_ndb_struct_na_base_pair_step.j_auth_seq_id_2 
_ndb_struct_na_base_pair_step.j_PDB_ins_code_2 
1 A A  1  1_555 A U  16 4_555 A G  2  1_555 A C  15 4_555 -0.600 -1.134 3.267 0.005  7.751  34.028 -3.023 1.002  2.945 13.035 
-0.008 34.874 1  AA_A1G2:C15U16_AA  A 1  ? A 16 ? A 2  ? A 15 ? 
1 A G  2  1_555 A C  15 4_555 A A  3  1_555 A U  14 4_555 0.588  -1.123 3.181 0.715  4.540  34.003 -2.582 -0.890 3.021 7.720  
-1.215 34.303 2  AA_G2A3:U14C15_AA  A 2  ? A 15 ? A 3  ? A 14 ? 
1 A A  3  1_555 A U  14 4_555 A G  4  1_555 A C  13 4_555 -0.366 -1.360 3.208 -1.030 11.156 32.391 -3.924 0.474  2.620 19.292 
1.781  34.225 3  AA_A3G4:C13U14_AA  A 3  ? A 14 ? A 4  ? A 13 ? 
1 A G  4  1_555 A C  13 4_555 A DA 5  1_555 A U  12 4_555 0.542  -1.586 3.351 0.182  9.105  29.845 -4.610 -0.975 2.761 17.181 
-0.344 31.173 4  AA_G4DA5:U12C13_AA A 4  ? A 13 ? A 5  ? A 12 ? 
1 A DA 5  1_555 A U  12 4_555 A A  6  1_555 A U  11 4_555 1.011  -1.716 3.330 4.582  17.431 31.652 -4.982 -1.036 2.236 29.187 
-7.672 36.309 5  AA_DA5A6:U11U12_AA A 5  ? A 12 ? A 6  ? A 11 ? 
1 A A  6  1_555 A U  11 4_555 A G  7  1_555 A C  10 4_555 -0.562 -1.986 3.067 -1.726 8.528  26.254 -5.920 0.820  2.349 18.152 
3.673  27.634 6  AA_A6G7:C10U11_AA  A 6  ? A 11 ? A 7  ? A 10 ? 
1 A G  7  1_555 A C  10 4_555 A A  8  1_555 A U  9  4_555 -0.231 -1.353 3.188 1.021  6.153  32.214 -3.385 0.573  2.879 10.961 
-1.818 32.796 7  AA_G7A8:U9C10_AA   A 7  ? A 10 ? A 8  ? A 9  ? 
1 A A  8  1_555 A U  9  4_555 A U  9  1_555 A A  8  4_555 0.000  -1.126 3.187 0.000  7.103  31.955 -3.150 0.000  2.877 12.706 
0.000  32.715 8  AA_A8U9:A8U9_AA    A 8  ? A 9  ? A 9  ? A 8  ? 
1 A U  9  1_555 A A  8  4_555 A C  10 1_555 A G  7  4_555 0.231  -1.353 3.188 -1.021 6.153  32.214 -3.385 -0.573 2.879 10.961 
1.818  32.796 9  AA_U9C10:G7A8_AA   A 9  ? A 8  ? A 10 ? A 7  ? 
1 A C  10 1_555 A G  7  4_555 A U  11 1_555 A A  6  4_555 0.562  -1.986 3.067 1.726  8.528  26.254 -5.920 -0.820 2.349 18.152 
-3.673 27.634 10 AA_C10U11:A6G7_AA  A 10 ? A 7  ? A 11 ? A 6  ? 
1 A U  11 1_555 A A  6  4_555 A U  12 1_555 A DA 5  4_555 -1.011 -1.716 3.330 -4.582 17.431 31.652 -4.982 1.036  2.236 29.187 
7.672  36.309 11 AA_U11U12:DA5A6_AA A 11 ? A 6  ? A 12 ? A 5  ? 
1 A U  12 1_555 A DA 5  4_555 A C  13 1_555 A G  4  4_555 -0.542 -1.586 3.351 -0.182 9.105  29.845 -4.610 0.975  2.761 17.181 
0.344  31.173 12 AA_U12C13:G4DA5_AA A 12 ? A 5  ? A 13 ? A 4  ? 
1 A C  13 1_555 A G  4  4_555 A U  14 1_555 A A  3  4_555 0.366  -1.360 3.208 1.030  11.156 32.391 -3.924 -0.474 2.620 19.292 
-1.781 34.225 13 AA_C13U14:A3G4_AA  A 13 ? A 4  ? A 14 ? A 3  ? 
1 A U  14 1_555 A A  3  4_555 A C  15 1_555 A G  2  4_555 -0.588 -1.123 3.181 -0.715 4.540  34.003 -2.582 0.890  3.021 7.720  
1.215  34.303 14 AA_U14C15:G2A3_AA  A 14 ? A 3  ? A 15 ? A 2  ? 
1 A C  15 1_555 A G  2  4_555 A U  16 1_555 A A  1  4_555 0.600  -1.134 3.267 -0.005 7.751  34.028 -3.023 -1.002 2.945 13.035 
0.008  34.874 15 AA_C15U16:A1G2_AA  A 15 ? A 2  ? A 16 ? A 1  ? 
# 
loop_
_pdbx_audit_support.funding_organization 
_pdbx_audit_support.country 
_pdbx_audit_support.grant_number 
_pdbx_audit_support.ordinal 
'National Science Foundation (NSF, United States)' 'United States' 2104708 1 
'Howard Hughes Medical Institute (HHMI)'           'United States' ?       2 
# 
_pdbx_initial_refinement_model.id               1 
_pdbx_initial_refinement_model.entity_id_list   ? 
_pdbx_initial_refinement_model.type             'experimental model' 
_pdbx_initial_refinement_model.source_name      PDB 
_pdbx_initial_refinement_model.accession_code   3ND4 
_pdbx_initial_refinement_model.details          ? 
# 
_atom_sites.entry_id                    9OKS 
_atom_sites.Cartn_transf_matrix[1][1]   ? 
_atom_sites.Cartn_transf_matrix[1][2]   ? 
_atom_sites.Cartn_transf_matrix[1][3]   ? 
_atom_sites.Cartn_transf_matrix[2][1]   ? 
_atom_sites.Cartn_transf_matrix[2][2]   ? 
_atom_sites.Cartn_transf_matrix[2][3]   ? 
_atom_sites.Cartn_transf_matrix[3][1]   ? 
_atom_sites.Cartn_transf_matrix[3][2]   ? 
_atom_sites.Cartn_transf_matrix[3][3]   ? 
_atom_sites.Cartn_transf_vector[1]      ? 
_atom_sites.Cartn_transf_vector[2]      ? 
_atom_sites.Cartn_transf_vector[3]      ? 
_atom_sites.Cartn_transform_axes        ? 
_atom_sites.fract_transf_matrix[1][1]   -0.02233871 
_atom_sites.fract_transf_matrix[1][2]   0.00474357 
_atom_sites.fract_transf_matrix[1][3]   0.01624196 
_atom_sites.fract_transf_matrix[2][1]   -0.00650013 
_atom_sites.fract_transf_matrix[2][2]   0.02618183 
_atom_sites.fract_transf_matrix[2][3]   0.00758976 
_atom_sites.fract_transf_matrix[3][1]   -0.00455737 
_atom_sites.fract_transf_matrix[3][2]   0.00074899 
_atom_sites.fract_transf_matrix[3][3]   -0.00648682 
_atom_sites.fract_transf_vector[1]      0.420337 
_atom_sites.fract_transf_vector[2]      0.441473 
_atom_sites.fract_transf_vector[3]      -0.012996 
_atom_sites.solution_primary            ? 
_atom_sites.solution_secondary          ? 
_atom_sites.solution_hydrogens          ? 
_atom_sites.special_details             ? 
# 
loop_
_atom_type.symbol 
_atom_type.pdbx_scat_Z 
_atom_type.pdbx_N_electrons 
_atom_type.scat_Cromer_Mann_a1 
_atom_type.scat_Cromer_Mann_b1 
_atom_type.scat_Cromer_Mann_a2 
_atom_type.scat_Cromer_Mann_b2 
_atom_type.scat_Cromer_Mann_a3 
_atom_type.scat_Cromer_Mann_b3 
_atom_type.scat_Cromer_Mann_a4 
_atom_type.scat_Cromer_Mann_b4 
_atom_type.scat_Cromer_Mann_c 
C  6  6  2.3103  20.8439 1.0201 10.2075 1.5888 0.5687  0.8651 51.6512 0.2156   
H  1  1  0.4930  10.5109 0.3229 26.1257 0.1402 3.1424  0.0408 57.7997 0.0030   
MG 12 12 5.4265  2.8275  2.1759 79.2611 1.2283 0.3808  2.3099 7.1937  0.8594   
N  7  7  12.2220 0.0057  3.1346 9.8933  2.0141 28.9975 1.1672 0.5826  -11.5379 
O  8  8  3.0487  13.2771 2.2870 5.7011  1.5464 0.3239  0.8671 32.9089 0.2508   
P  15 15 6.4348  1.9067  4.1793 27.1570 1.7801 0.5260  1.4909 68.1645 1.1150   
# 
loop_
_atom_site.group_PDB 
_atom_site.id 
_atom_site.type_symbol 
_atom_site.label_atom_id 
_atom_site.label_alt_id 
_atom_site.label_comp_id 
_atom_site.label_asym_id 
_atom_site.label_entity_id 
_atom_site.label_seq_id 
_atom_site.pdbx_PDB_ins_code 
_atom_site.Cartn_x 
_atom_site.Cartn_y 
_atom_site.Cartn_z 
_atom_site.occupancy 
_atom_site.B_iso_or_equiv 
_atom_site.pdbx_formal_charge 
_atom_site.auth_seq_id 
_atom_site.auth_comp_id 
_atom_site.auth_asym_id 
_atom_site.auth_atom_id 
_atom_site.pdbx_PDB_model_num 
_atom_site.calc_flag 
ATOM   1   O  "O5'" . A   A 1 1  ? -3.942  1.325   -18.932 1.000 17.533 0 1   A   A "O5'" 1 ? 
ATOM   2   C  "C5'" . A   A 1 1  ? -3.032  2.361   -19.360 1.000 13.874 0 1   A   A "C5'" 1 ? 
ATOM   3   C  "C4'" . A   A 1 1  ? -3.690  3.714   -19.367 1.000 11.621 0 1   A   A "C4'" 1 ? 
ATOM   4   O  "O4'" . A   A 1 1  ? -4.886  3.658   -20.181 1.000 10.051 0 1   A   A "O4'" 1 ? 
ATOM   5   C  "C3'" . A   A 1 1  ? -4.226  4.257   -18.042 1.000 11.032 0 1   A   A "C3'" 1 ? 
ATOM   6   O  "O3'" . A   A 1 1  ? -3.172  4.918   -17.358 1.000 12.193 0 1   A   A "O3'" 1 ? 
ATOM   7   C  "C2'" . A   A 1 1  ? -5.221  5.292   -18.529 1.000 10.665 0 1   A   A "C2'" 1 ? 
ATOM   8   O  "O2'" . A   A 1 1  ? -4.595  6.428   -19.059 1.000 10.682 0 1   A   A "O2'" 1 ? 
ATOM   9   C  "C1'" . A   A 1 1  ? -5.884  4.501   -19.638 1.000 9.815  0 1   A   A "C1'" 1 ? 
ATOM   10  N  N9    . A   A 1 1  ? -6.973  3.616   -19.264 1.000 8.614  0 1   A   A N9    1 ? 
ATOM   11  C  C8    . A   A 1 1  ? -7.002  2.246   -19.300 1.000 8.600  0 1   A   A C8    1 ? 
ATOM   12  N  N7    . A   A 1 1  ? -8.168  1.729   -19.000 1.000 9.436  0 1   A   A N7    1 ? 
ATOM   13  C  C5    . A   A 1 1  ? -8.961  2.852   -18.770 1.000 7.692  0 1   A   A C5    1 ? 
ATOM   14  C  C6    . A   A 1 1  ? -10.319 2.968   -18.439 1.000 7.865  0 1   A   A C6    1 ? 
ATOM   15  N  N6    . A   A 1 1  ? -11.119 1.936   -18.300 1.000 8.659  0 1   A   A N6    1 ? 
ATOM   16  N  N1    . A   A 1 1  ? -10.844 4.197   -18.290 1.000 7.298  0 1   A   A N1    1 ? 
ATOM   17  C  C2    . A   A 1 1  ? -10.007 5.234   -18.459 1.000 7.361  0 1   A   A C2    1 ? 
ATOM   18  N  N3    . A   A 1 1  ? -8.721  5.266   -18.802 1.000 8.279  0 1   A   A N3    1 ? 
ATOM   19  C  C4    . A   A 1 1  ? -8.244  4.011   -18.928 1.000 7.837  0 1   A   A C4    1 ? 
ATOM   20  P  P     . G   A 1 2  ? -3.099  4.879   -15.771 1.000 12.044 0 2   G   A P     1 ? 
ATOM   21  O  OP1   . G   A 1 2  ? -1.724  5.397   -15.466 1.000 14.351 0 2   G   A OP1   1 ? 
ATOM   22  O  OP2   . G   A 1 2  ? -3.579  3.583   -15.234 1.000 13.059 0 2   G   A OP2   1 ? 
ATOM   23  O  "O5'" . G   A 1 2  ? -4.180  5.960   -15.362 1.000 10.917 0 2   G   A "O5'" 1 ? 
ATOM   24  C  "C5'" . G   A 1 2  ? -4.005  7.333   -15.616 1.000 10.787 0 2   G   A "C5'" 1 ? 
ATOM   25  C  "C4'" . G   A 1 2  ? -5.268  8.058   -15.219 1.000 11.834 0 2   G   A "C4'" 1 ? 
ATOM   26  O  "O4'" . G   A 1 2  ? -6.337  7.672   -16.119 1.000 11.369 0 2   G   A "O4'" 1 ? 
ATOM   27  C  "C3'" . G   A 1 2  ? -5.818  7.692   -13.845 1.000 10.835 0 2   G   A "C3'" 1 ? 
ATOM   28  O  "O3'" . G   A 1 2  ? -5.107  8.350   -12.802 1.000 11.344 0 2   G   A "O3'" 1 ? 
ATOM   29  C  "C2'" . G   A 1 2  ? -7.229  8.222   -14.014 1.000 10.785 0 2   G   A "C2'" 1 ? 
ATOM   30  O  "O2'" . G   A 1 2  ? -7.341  9.620   -13.974 1.000 12.279 0 2   G   A "O2'" 1 ? 
ATOM   31  C  "C1'" . G   A 1 2  ? -7.552  7.659   -15.384 1.000 9.201  0 2   G   A "C1'" 1 ? 
ATOM   32  N  N9    . G   A 1 2  ? -8.028  6.310   -15.334 1.000 8.930  0 2   G   A N9    1 ? 
ATOM   33  C  C8    . G   A 1 2  ? -7.317  5.160   -15.590 1.000 8.187  0 2   G   A C8    1 ? 
ATOM   34  N  N7    . G   A 1 2  ? -8.040  4.077   -15.511 1.000 8.149  0 2   G   A N7    1 ? 
ATOM   35  C  C5    . G   A 1 2  ? -9.318  4.564   -15.256 1.000 7.437  0 2   G   A C5    1 ? 
ATOM   36  C  C6    . G   A 1 2  ? -10.514 3.843   -15.058 1.000 6.643  0 2   G   A C6    1 ? 
ATOM   37  O  O6    . G   A 1 2  ? -10.718 2.642   -15.158 1.000 7.688  0 2   G   A O6    1 ? 
ATOM   38  N  N1    . G   A 1 2  ? -11.566 4.693   -14.738 1.000 7.052  0 2   G   A N1    1 ? 
ATOM   39  C  C2    . G   A 1 2  ? -11.474 6.051   -14.594 1.000 8.171  0 2   G   A C2    1 ? 
ATOM   40  N  N2    . G   A 1 2  ? -12.600 6.689   -14.219 1.000 8.505  0 2   G   A N2    1 ? 
ATOM   41  N  N3    . G   A 1 2  ? -10.353 6.747   -14.787 1.000 7.406  0 2   G   A N3    1 ? 
ATOM   42  C  C4    . G   A 1 2  ? -9.320  5.917   -15.096 1.000 7.831  0 2   G   A C4    1 ? 
ATOM   43  P  P     . A   A 1 3  ? -4.983  7.732   -11.332 1.000 12.425 0 3   A   A P     1 ? 
ATOM   44  O  OP1   . A   A 1 3  ? -4.102  8.680   -10.592 1.000 16.412 0 3   A   A OP1   1 ? 
ATOM   45  O  OP2   . A   A 1 3  ? -4.698  6.293   -11.334 1.000 13.886 0 3   A   A OP2   1 ? 
ATOM   46  O  "O5'" . A   A 1 3  ? -6.490  7.803   -10.806 1.000 10.953 0 3   A   A "O5'" 1 ? 
ATOM   47  C  "C5'" . A   A 1 3  ? -7.121  9.074   -10.647 1.000 9.509  0 3   A   A "C5'" 1 ? 
ATOM   48  C  "C4'" . A   A 1 3  ? -8.577  8.854   -10.324 1.000 10.062 0 3   A   A "C4'" 1 ? 
ATOM   49  O  "O4'" . A   A 1 3  ? -9.228  8.219   -11.447 1.000 8.735  0 3   A   A "O4'" 1 ? 
ATOM   50  C  "C3'" . A   A 1 3  ? -8.910  7.949   -9.143  1.000 10.285 0 3   A   A "C3'" 1 ? 
ATOM   51  O  "O3'" . A   A 1 3  ? -8.779  8.656   -7.904  1.000 9.710  0 3   A   A "O3'" 1 ? 
ATOM   52  C  "C2'" . A   A 1 3  ? -10.355 7.604   -9.482  1.000 8.532  0 3   A   A "C2'" 1 ? 
ATOM   53  O  "O2'" . A   A 1 3  ? -11.255 8.663   -9.227  1.000 10.282 0 3   A   A "O2'" 1 ? 
ATOM   54  C  "C1'" . A   A 1 3  ? -10.240 7.340   -10.986 1.000 7.993  0 3   A   A "C1'" 1 ? 
ATOM   55  N  N9    . A   A 1 3  ? -9.883  5.982   -11.349 1.000 7.922  0 3   A   A N9    1 ? 
ATOM   56  C  C8    . A   A 1 3  ? -8.654  5.464   -11.650 1.000 7.929  0 3   A   A C8    1 ? 
ATOM   57  N  N7    . A   A 1 3  ? -8.660  4.179   -11.900 1.000 7.392  0 3   A   A N7    1 ? 
ATOM   58  C  C5    . A   A 1 3  ? -10.002 3.830   -11.771 1.000 7.083  0 3   A   A C5    1 ? 
ATOM   59  C  C6    . A   A 1 3  ? -10.695 2.620   -11.941 1.000 6.847  0 3   A   A C6    1 ? 
ATOM   60  N  N6    . A   A 1 3  ? -10.105 1.505   -12.321 1.000 7.588  0 3   A   A N6    1 ? 
ATOM   61  N  N1    . A   A 1 3  ? -12.029 2.606   -11.696 1.000 7.445  0 3   A   A N1    1 ? 
ATOM   62  C  C2    . A   A 1 3  ? -12.605 3.752   -11.351 1.000 6.772  0 3   A   A C2    1 ? 
ATOM   63  N  N3    . A   A 1 3  ? -12.080 4.969   -11.178 1.000 7.419  0 3   A   A N3    1 ? 
ATOM   64  C  C4    . A   A 1 3  ? -10.752 4.923   -11.405 1.000 7.318  0 3   A   A C4    1 ? 
ATOM   65  P  P     . G   A 1 4  ? -8.517  7.790   -6.603  1.000 12.294 0 4   G   A P     1 ? 
ATOM   66  O  OP1   . G   A 1 4  ? -8.205  8.830   -5.562  1.000 16.141 0 4   G   A OP1   1 ? 
ATOM   67  O  OP2   . G   A 1 4  ? -7.577  6.670   -6.827  1.000 12.566 0 4   G   A OP2   1 ? 
ATOM   68  O  "O5'" . G   A 1 4  ? -9.914  7.080   -6.281  1.000 10.013 0 4   G   A "O5'" 1 ? 
ATOM   69  C  "C5'" . G   A 1 4  ? -11.041 7.837   -5.824  1.000 10.357 0 4   G   A "C5'" 1 ? 
ATOM   70  C  "C4'" . G   A 1 4  ? -12.227 6.928   -5.639  1.000 10.203 0 4   G   A "C4'" 1 ? 
ATOM   71  O  "O4'" . G   A 1 4  ? -12.675 6.387   -6.906  1.000 11.396 0 4   G   A "O4'" 1 ? 
ATOM   72  C  "C3'" . G   A 1 4  ? -11.982 5.691   -4.786  1.000 11.501 0 4   G   A "C3'" 1 ? 
ATOM   73  O  "O3'" . G   A 1 4  ? -11.919 6.025   -3.399  1.000 12.412 0 4   G   A "O3'" 1 ? 
ATOM   74  C  "C2'" . G   A 1 4  ? -13.186 4.848   -5.209  1.000 11.145 0 4   G   A "C2'" 1 ? 
ATOM   75  O  "O2'" . G   A 1 4  ? -14.412 5.291   -4.682  1.000 12.708 0 4   G   A "O2'" 1 ? 
ATOM   76  C  "C1'" . G   A 1 4  ? -13.149 5.064   -6.713  1.000 11.015 0 4   G   A "C1'" 1 ? 
ATOM   77  N  N9    . G   A 1 4  ? -12.239 4.140   -7.370  1.000 9.483  0 4   G   A N9    1 ? 
ATOM   78  C  C8    . G   A 1 4  ? -10.941 4.367   -7.729  1.000 8.321  0 4   G   A C8    1 ? 
ATOM   79  N  N7    . G   A 1 4  ? -10.349 3.352   -8.308  1.000 9.061  0 4   G   A N7    1 ? 
ATOM   80  C  C5    . G   A 1 4  ? -11.344 2.382   -8.357  1.000 8.245  0 4   G   A C5    1 ? 
ATOM   81  C  C6    . G   A 1 4  ? -11.281 1.049   -8.847  1.000 8.903  0 4   G   A C6    1 ? 
ATOM   82  O  O6    . G   A 1 4  ? -10.310 0.476   -9.363  1.000 9.224  0 4   G   A O6    1 ? 
ATOM   83  N  N1    . G   A 1 4  ? -12.487 0.392   -8.618  1.000 8.345  0 4   G   A N1    1 ? 
ATOM   84  C  C2    . G   A 1 4  ? -13.598 0.910   -8.000  1.000 8.966  0 4   G   A C2    1 ? 
ATOM   85  N  N2    . G   A 1 4  ? -14.647 0.094   -7.842  1.000 9.138  0 4   G   A N2    1 ? 
ATOM   86  N  N3    . G   A 1 4  ? -13.675 2.164   -7.546  1.000 9.510  0 4   G   A N3    1 ? 
ATOM   87  C  C4    . G   A 1 4  ? -12.509 2.826   -7.761  1.000 8.899  0 4   G   A C4    1 ? 
ATOM   88  P  P     . DA  A 1 5  ? -10.978 5.121   -2.466  1.000 13.801 0 5   DA  A P     1 ? 
ATOM   89  O  OP1   . DA  A 1 5  ? -11.105 5.740   -1.111  1.000 16.840 0 5   DA  A OP1   1 ? 
ATOM   90  O  OP2   . DA  A 1 5  ? -9.641  4.941   -3.063  1.000 12.859 0 5   DA  A OP2   1 ? 
ATOM   91  O  "O5'" . DA  A 1 5  ? -11.655 3.689   -2.519  1.000 11.779 0 5   DA  A "O5'" 1 ? 
ATOM   92  C  "C5'" . DA  A 1 5  ? -12.943 3.477   -1.977  1.000 11.823 0 5   DA  A "C5'" 1 ? 
ATOM   93  C  "C4'" . DA  A 1 5  ? -13.338 2.040   -2.209  1.000 11.455 0 5   DA  A "C4'" 1 ? 
ATOM   94  O  "O4'" . DA  A 1 5  ? -13.504 1.784   -3.612  1.000 10.453 0 5   DA  A "O4'" 1 ? 
ATOM   95  C  "C3'" . DA  A 1 5  ? -12.399 0.929   -1.771  1.000 11.693 0 5   DA  A "C3'" 1 ? 
ATOM   96  O  "O3'" . DA  A 1 5  ? -12.463 0.849   -0.344  1.000 12.347 0 5   DA  A "O3'" 1 ? 
ATOM   97  C  "C2'" . DA  A 1 5  ? -12.991 -0.240  -2.533  1.000 11.353 0 5   DA  A "C2'" 1 ? 
ATOM   98  C  "C1'" . DA  A 1 5  ? -13.226 0.415   -3.895  1.000 11.657 0 5   DA  A "C1'" 1 ? 
ATOM   99  N  N9    . DA  A 1 5  ? -12.038 0.360   -4.737  1.000 10.389 0 5   DA  A N9    1 ? 
ATOM   100 C  C8    . DA  A 1 5  ? -11.033 1.289   -4.868  1.000 10.000 0 5   DA  A C8    1 ? 
ATOM   101 N  N7    . DA  A 1 5  ? -10.037 0.883   -5.629  1.000 10.498 0 5   DA  A N7    1 ? 
ATOM   102 C  C5    . DA  A 1 5  ? -10.392 -0.422  -5.934  1.000 9.239  0 5   DA  A C5    1 ? 
ATOM   103 C  C6    . DA  A 1 5  ? -9.748  -1.408  -6.694  1.000 9.182  0 5   DA  A C6    1 ? 
ATOM   104 N  N6    . DA  A 1 5  ? -8.602  -1.211  -7.316  1.000 9.214  0 5   DA  A N6    1 ? 
ATOM   105 N  N1    . DA  A 1 5  ? -10.341 -2.616  -6.816  1.000 9.269  0 5   DA  A N1    1 ? 
ATOM   106 C  C2    . DA  A 1 5  ? -11.533 -2.805  -6.228  1.000 9.165  0 5   DA  A C2    1 ? 
ATOM   107 N  N3    . DA  A 1 5  ? -12.243 -1.951  -5.472  1.000 10.159 0 5   DA  A N3    1 ? 
ATOM   108 C  C4    . DA  A 1 5  ? -11.619 -0.759  -5.401  1.000 10.019 0 5   DA  A C4    1 ? 
ATOM   109 P  P     . A   A 1 6  ? -11.133 0.436   0.443   1.000 13.404 0 6   A   A P     1 ? 
ATOM   110 O  OP1   . A   A 1 6  ? -11.486 0.602   1.890   1.000 16.122 0 6   A   A OP1   1 ? 
ATOM   111 O  OP2   . A   A 1 6  ? -9.922  1.173   -0.034  1.000 16.093 0 6   A   A OP2   1 ? 
ATOM   112 O  "O5'" . A   A 1 6  ? -10.783 -1.068  0.091   1.000 11.692 0 6   A   A "O5'" 1 ? 
ATOM   113 C  "C5'" . A   A 1 6  ? -11.712 -2.075  0.466   1.000 11.500 0 6   A   A "C5'" 1 ? 
ATOM   114 C  "C4'" . A   A 1 6  ? -11.355 -3.352  -0.247  1.000 11.975 0 6   A   A "C4'" 1 ? 
ATOM   115 O  "O4'" . A   A 1 6  ? -11.382 -3.134  -1.679  1.000 11.401 0 6   A   A "O4'" 1 ? 
ATOM   116 C  "C3'" . A   A 1 6  ? -9.966  -3.937  -0.007  1.000 11.362 0 6   A   A "C3'" 1 ? 
ATOM   117 O  "O3'" . A   A 1 6  ? -9.911  -4.580  1.257   1.000 11.431 0 6   A   A "O3'" 1 ? 
ATOM   118 C  "C2'" . A   A 1 6  ? -9.863  -4.890  -1.195  1.000 11.099 0 6   A   A "C2'" 1 ? 
ATOM   119 O  "O2'" . A   A 1 6  ? -10.663 -6.012  -0.975  1.000 11.679 0 6   A   A "O2'" 1 ? 
ATOM   120 C  "C1'" . A   A 1 6  ? -10.467 -4.009  -2.297  1.000 11.307 0 6   A   A "C1'" 1 ? 
ATOM   121 N  N9    . A   A 1 6  ? -9.453  -3.264  -3.037  1.000 11.342 0 6   A   A N9    1 ? 
ATOM   122 C  C8    . A   A 1 6  ? -9.077  -1.950  -2.910  1.000 11.707 0 6   A   A C8    1 ? 
ATOM   123 N  N7    . A   A 1 6  ? -8.105  -1.602  -3.725  1.000 11.409 0 6   A   A N7    1 ? 
ATOM   124 C  C5    . A   A 1 6  ? -7.789  -2.765  -4.381  1.000 11.609 0 6   A   A C5    1 ? 
ATOM   125 C  C6    . A   A 1 6  ? -6.826  -3.048  -5.362  1.000 10.964 0 6   A   A C6    1 ? 
ATOM   126 N  N6    . A   A 1 6  ? -5.962  -2.147  -5.810  1.000 12.068 0 6   A   A N6    1 ? 
ATOM   127 N  N1    . A   A 1 6  ? -6.752  -4.308  -5.800  1.000 11.216 0 6   A   A N1    1 ? 
ATOM   128 C  C2    . A   A 1 6  ? -7.604  -5.212  -5.313  1.000 10.983 0 6   A   A C2    1 ? 
ATOM   129 N  N3    . A   A 1 6  ? -8.596  -5.056  -4.427  1.000 11.694 0 6   A   A N3    1 ? 
ATOM   130 C  C4    . A   A 1 6  ? -8.628  -3.790  -3.994  1.000 11.618 0 6   A   A C4    1 ? 
ATOM   131 P  P     . G   A 1 7  ? -8.490  -4.693  1.954   1.000 11.504 0 7   G   A P     1 ? 
ATOM   132 O  OP1   . G   A 1 7  ? -8.788  -5.233  3.310   1.000 13.558 0 7   G   A OP1   1 ? 
ATOM   133 O  OP2   . G   A 1 7  ? -7.713  -3.448  1.824   1.000 12.719 0 7   G   A OP2   1 ? 
ATOM   134 O  "O5'" . G   A 1 7  ? -7.611  -5.781  1.132   1.000 10.978 0 7   G   A "O5'" 1 ? 
ATOM   135 C  "C5'" . G   A 1 7  ? -7.954  -7.165  1.239   1.000 12.071 0 7   G   A "C5'" 1 ? 
ATOM   136 C  "C4'" . G   A 1 7  ? -7.178  -7.951  0.215   1.000 11.548 0 7   G   A "C4'" 1 ? 
ATOM   137 O  "O4'" . G   A 1 7  ? -7.397  -7.442  -1.123  1.000 10.988 0 7   G   A "O4'" 1 ? 
ATOM   138 C  "C3'" . G   A 1 7  ? -5.662  -7.933  0.298   1.000 10.859 0 7   G   A "C3'" 1 ? 
ATOM   139 O  "O3'" . G   A 1 7  ? -5.236  -8.765  1.362   1.000 10.918 0 7   G   A "O3'" 1 ? 
ATOM   140 C  "C2'" . G   A 1 7  ? -5.327  -8.557  -1.056  1.000 9.426  0 7   G   A "C2'" 1 ? 
ATOM   141 O  "O2'" . G   A 1 7  ? -5.699  -9.919  -0.990  1.000 9.842  0 7   G   A "O2'" 1 ? 
ATOM   142 C  "C1'" . G   A 1 7  ? -6.281  -7.753  -1.934  1.000 9.974  0 7   G   A "C1'" 1 ? 
ATOM   143 N  N9    . G   A 1 7  ? -5.681  -6.531  -2.422  1.000 9.159  0 7   G   A N9    1 ? 
ATOM   144 C  C8    . G   A 1 7  ? -5.926  -5.225  -2.054  1.000 9.858  0 7   G   A C8    1 ? 
ATOM   145 N  N7    . G   A 1 7  ? -5.206  -4.355  -2.710  1.000 10.497 0 7   G   A N7    1 ? 
ATOM   146 C  C5    . G   A 1 7  ? -4.489  -5.147  -3.593  1.000 8.804  0 7   G   A C5    1 ? 
ATOM   147 C  C6    . G   A 1 7  ? -3.548  -4.776  -4.587  1.000 8.892  0 7   G   A C6    1 ? 
ATOM   148 O  O6    . G   A 1 7  ? -3.176  -3.639  -4.911  1.000 10.789 0 7   G   A O6    1 ? 
ATOM   149 N  N1    . G   A 1 7  ? -3.063  -5.880  -5.271  1.000 9.103  0 7   G   A N1    1 ? 
ATOM   150 C  C2    . G   A 1 7  ? -3.394  -7.188  -5.030  1.000 8.997  0 7   G   A C2    1 ? 
ATOM   151 N  N2    . G   A 1 7  ? -2.805  -8.142  -5.769  1.000 9.668  0 7   G   A N2    1 ? 
ATOM   152 N  N3    . G   A 1 7  ? -4.258  -7.537  -4.081  1.000 8.877  0 7   G   A N3    1 ? 
ATOM   153 C  C4    . G   A 1 7  ? -4.782  -6.471  -3.438  1.000 8.689  0 7   G   A C4    1 ? 
ATOM   154 P  P     . A   A 1 8  ? -3.769  -8.596  2.023   1.000 14.587 0 8   A   A P     1 ? 
ATOM   155 O  OP1   . A   A 1 8  ? -3.814  -9.430  3.286   1.000 17.224 0 8   A   A OP1   1 ? 
ATOM   156 O  OP2   . A   A 1 8  ? -3.378  -7.159  2.094   1.000 15.204 0 8   A   A OP2   1 ? 
ATOM   157 O  "O5'" . A   A 1 8  ? -2.817  -9.207  0.943   1.000 14.376 0 8   A   A "O5'" 1 ? 
ATOM   158 C  "C5'" . A   A 1 8  ? -2.873  -10.613 0.660   1.000 14.989 0 8   A   A "C5'" 1 ? 
ATOM   159 C  "C4'" . A   A 1 8  ? -1.980  -10.888 -0.516  1.000 16.675 0 8   A   A "C4'" 1 ? 
ATOM   160 O  "O4'" . A   A 1 8  ? -2.383  -10.116 -1.684  1.000 13.930 0 8   A   A "O4'" 1 ? 
ATOM   161 C  "C3'" . A   A 1 8  ? -0.519  -10.484 -0.324  1.000 16.152 0 8   A   A "C3'" 1 ? 
ATOM   162 O  "O3'" . A   A 1 8  ? 0.182   -11.486 0.381   1.000 16.943 0 8   A   A "O3'" 1 ? 
ATOM   163 C  "C2'" . A   A 1 8  ? -0.066  -10.473 -1.781  1.000 15.329 0 8   A   A "C2'" 1 ? 
ATOM   164 O  "O2'" . A   A 1 8  ? 0.114   -11.770 -2.314  1.000 17.704 0 8   A   A "O2'" 1 ? 
ATOM   165 C  "C1'" . A   A 1 8  ? -1.239  -9.740  -2.418  1.000 15.605 0 8   A   A "C1'" 1 ? 
ATOM   166 N  N9    . A   A 1 8  ? -1.128  -8.290  -2.363  1.000 11.771 0 8   A   A N9    1 ? 
ATOM   167 C  C8    . A   A 1 8  ? -1.758  -7.418  -1.511  1.000 11.241 0 8   A   A C8    1 ? 
ATOM   168 N  N7    . A   A 1 8  ? -1.549  -6.156  -1.784  1.000 11.035 0 8   A   A N7    1 ? 
ATOM   169 C  C5    . A   A 1 8  ? -0.735  -6.198  -2.905  1.000 9.891  0 8   A   A C5    1 ? 
ATOM   170 C  C6    . A   A 1 8  ? -0.138  -5.180  -3.687  1.000 10.708 0 8   A   A C6    1 ? 
ATOM   171 N  N6    . A   A 1 8  ? -0.340  -3.905  -3.452  1.000 12.587 0 8   A   A N6    1 ? 
ATOM   172 N  N1    . A   A 1 8  ? 0.656   -5.560  -4.703  1.000 11.928 0 8   A   A N1    1 ? 
ATOM   173 C  C2    . A   A 1 8  ? 0.838   -6.863  -4.915  1.000 12.909 0 8   A   A C2    1 ? 
ATOM   174 N  N3    . A   A 1 8  ? 0.302   -7.914  -4.288  1.000 11.706 0 8   A   A N3    1 ? 
ATOM   175 C  C4    . A   A 1 8  ? -0.442  -7.500  -3.252  1.000 11.503 0 8   A   A C4    1 ? 
ATOM   176 P  P     . U   A 1 9  ? 1.356   -11.075 1.402   1.000 17.093 0 9   U   A P     1 ? 
ATOM   177 O  OP1   . U   A 1 9  ? 1.717   -12.328 2.148   1.000 18.790 0 9   U   A OP1   1 ? 
ATOM   178 O  OP2   . U   A 1 9  ? 1.068   -9.826  2.122   1.000 15.529 0 9   U   A OP2   1 ? 
ATOM   179 O  "O5'" . U   A 1 9  ? 2.522   -10.749 0.378   1.000 15.483 0 9   U   A "O5'" 1 ? 
ATOM   180 C  "C5'" . U   A 1 9  ? 3.072   -11.769 -0.449  1.000 17.657 0 9   U   A "C5'" 1 ? 
ATOM   181 C  "C4'" . U   A 1 9  ? 3.962   -11.141 -1.484  1.000 18.964 0 9   U   A "C4'" 1 ? 
ATOM   182 O  "O4'" . U   A 1 9  ? 3.194   -10.264 -2.344  1.000 17.008 0 9   U   A "O4'" 1 ? 
ATOM   183 C  "C3'" . U   A 1 9  ? 5.051   -10.216 -0.931  1.000 18.846 0 9   U   A "C3'" 1 ? 
ATOM   184 O  "O3'" . U   A 1 9  ? 6.158   -10.972 -0.451  1.000 19.455 0 9   U   A "O3'" 1 ? 
ATOM   185 C  "C2'" . U   A 1 9  ? 5.394   -9.405  -2.169  1.000 18.292 0 9   U   A "C2'" 1 ? 
ATOM   186 O  "O2'" . U   A 1 9  ? 6.142   -10.150 -3.101  1.000 21.854 0 9   U   A "O2'" 1 ? 
ATOM   187 C  "C1'" . U   A 1 9  ? 3.998   -9.149  -2.716  1.000 17.234 0 9   U   A "C1'" 1 ? 
ATOM   188 N  N1    . U   A 1 9  ? 3.390   -7.893  -2.208  1.000 15.233 0 9   U   A N1    1 ? 
ATOM   189 C  C2    . U   A 1 9  ? 3.730   -6.723  -2.866  1.000 13.809 0 9   U   A C2    1 ? 
ATOM   190 O  O2    . U   A 1 9  ? 4.556   -6.703  -3.768  1.000 17.760 0 9   U   A O2    1 ? 
ATOM   191 N  N3    . U   A 1 9  ? 3.136   -5.589  -2.389  1.000 13.328 0 9   U   A N3    1 ? 
ATOM   192 C  C4    . U   A 1 9  ? 2.243   -5.508  -1.347  1.000 12.501 0 9   U   A C4    1 ? 
ATOM   193 O  O4    . U   A 1 9  ? 1.741   -4.432  -1.050  1.000 13.403 0 9   U   A O4    1 ? 
ATOM   194 C  C5    . U   A 1 9  ? 1.954   -6.757  -0.697  1.000 13.039 0 9   U   A C5    1 ? 
ATOM   195 C  C6    . U   A 1 9  ? 2.547   -7.878  -1.130  1.000 13.263 0 9   U   A C6    1 ? 
ATOM   196 P  P     . C   A 1 10 ? 7.003   -10.428 0.784   1.000 21.949 0 10  C   A P     1 ? 
ATOM   197 O  OP1   . C   A 1 10 ? 7.966   -11.520 1.148   1.000 24.340 0 10  C   A OP1   1 ? 
ATOM   198 O  OP2   . C   A 1 10 ? 6.258   -9.734  1.852   1.000 19.330 0 10  C   A OP2   1 ? 
ATOM   199 O  "O5'" . C   A 1 10 ? 7.853   -9.244  0.110   1.000 20.718 0 10  C   A "O5'" 1 ? 
ATOM   200 C  "C5'" . C   A 1 10 ? 8.806   -9.533  -0.929  1.000 19.616 0 10  C   A "C5'" 1 ? 
ATOM   201 C  "C4'" . C   A 1 10 ? 9.282   -8.231  -1.541  1.000 19.857 0 10  C   A "C4'" 1 ? 
ATOM   202 O  "O4'" . C   A 1 10 ? 8.158   -7.575  -2.203  1.000 17.674 0 10  C   A "O4'" 1 ? 
ATOM   203 C  "C3'" . C   A 1 10 ? 9.826   -7.160  -0.583  1.000 18.590 0 10  C   A "C3'" 1 ? 
ATOM   204 O  "O3'" . C   A 1 10 ? 11.163  -7.373  -0.105  1.000 21.375 0 10  C   A "O3'" 1 ? 
ATOM   205 C  "C2'" . C   A 1 10 ? 9.729   -5.944  -1.507  1.000 16.679 0 10  C   A "C2'" 1 ? 
ATOM   206 O  "O2'" . C   A 1 10 ? 10.648  -5.928  -2.581  1.000 18.039 0 10  C   A "O2'" 1 ? 
ATOM   207 C  "C1'" . C   A 1 10 ? 8.353   -6.181  -2.135  1.000 16.524 0 10  C   A "C1'" 1 ? 
ATOM   208 N  N1    . C   A 1 10 ? 7.255   -5.586  -1.340  1.000 12.544 0 10  C   A N1    1 ? 
ATOM   209 C  C2    . C   A 1 10 ? 7.031   -4.226  -1.563  1.000 12.131 0 10  C   A C2    1 ? 
ATOM   210 O  O2    . C   A 1 10 ? 7.775   -3.632  -2.359  1.000 12.540 0 10  C   A O2    1 ? 
ATOM   211 N  N3    . C   A 1 10 ? 6.012   -3.630  -0.910  1.000 10.870 0 10  C   A N3    1 ? 
ATOM   212 C  C4    . C   A 1 10 ? 5.288   -4.290  -0.026  1.000 11.370 0 10  C   A C4    1 ? 
ATOM   213 N  N4    . C   A 1 10 ? 4.343   -3.628  0.587   1.000 10.787 0 10  C   A N4    1 ? 
ATOM   214 C  C5    . C   A 1 10 ? 5.498   -5.668  0.233   1.000 12.376 0 10  C   A C5    1 ? 
ATOM   215 C  C6    . C   A 1 10 ? 6.478   -6.265  -0.451  1.000 12.907 0 10  C   A C6    1 ? 
ATOM   216 P  P     . U   A 1 11 ? 11.585  -6.834  1.342   1.000 21.780 0 11  U   A P     1 ? 
ATOM   217 O  OP1   . U   A 1 11 ? 12.967  -7.352  1.612   1.000 23.859 0 11  U   A OP1   1 ? 
ATOM   218 O  OP2   . U   A 1 11 ? 10.554  -6.892  2.414   1.000 23.477 0 11  U   A OP2   1 ? 
ATOM   219 O  "O5'" . U   A 1 11 ? 11.635  -5.241  1.160   1.000 17.597 0 11  U   A "O5'" 1 ? 
ATOM   220 C  "C5'" . U   A 1 11 ? 12.590  -4.685  0.266   1.000 16.778 0 11  U   A "C5'" 1 ? 
ATOM   221 C  "C4'" . U   A 1 11 ? 12.229  -3.243  0.003   1.000 15.668 0 11  U   A "C4'" 1 ? 
ATOM   222 O  "O4'" . U   A 1 11 ? 10.842  -3.123  -0.423  1.000 15.641 0 11  U   A "O4'" 1 ? 
ATOM   223 C  "C3'" . U   A 1 11 ? 12.282  -2.289  1.200   1.000 15.509 0 11  U   A "C3'" 1 ? 
ATOM   224 O  "O3'" . U   A 1 11 ? 13.636  -2.024  1.546   1.000 15.262 0 11  U   A "O3'" 1 ? 
ATOM   225 C  "C2'" . U   A 1 11 ? 11.517  -1.103  0.606   1.000 14.257 0 11  U   A "C2'" 1 ? 
ATOM   226 O  "O2'" . U   A 1 11 ? 12.360  -0.458  -0.315  1.000 15.492 0 11  U   A "O2'" 1 ? 
ATOM   227 C  "C1'" . U   A 1 11 ? 10.360  -1.832  -0.084  1.000 13.107 0 11  U   A "C1'" 1 ? 
ATOM   228 N  N1    . U   A 1 11 ? 9.171   -1.958  0.757   1.000 12.208 0 11  U   A N1    1 ? 
ATOM   229 C  C2    . U   A 1 11 ? 8.359   -0.827  0.857   1.000 11.124 0 11  U   A C2    1 ? 
ATOM   230 O  O2    . U   A 1 11 ? 8.681   0.200   0.330   1.000 12.893 0 11  U   A O2    1 ? 
ATOM   231 N  N3    . U   A 1 11 ? 7.239   -0.968  1.615   1.000 12.109 0 11  U   A N3    1 ? 
ATOM   232 C  C4    . U   A 1 11 ? 6.815   -2.086  2.279   1.000 11.824 0 11  U   A C4    1 ? 
ATOM   233 O  O4    . U   A 1 11 ? 5.771   -2.079  2.933   1.000 13.772 0 11  U   A O4    1 ? 
ATOM   234 C  C5    . U   A 1 11 ? 7.716   -3.199  2.172   1.000 11.657 0 11  U   A C5    1 ? 
ATOM   235 C  C6    . U   A 1 11 ? 8.810   -3.104  1.395   1.000 11.913 0 11  U   A C6    1 ? 
ATOM   236 P  P     . U   A 1 12 ? 14.039  -1.568  3.033   1.000 14.124 0 12  U   A P     1 ? 
ATOM   237 O  OP1   . U   A 1 12 ? 15.535  -1.662  3.011   1.000 15.397 0 12  U   A OP1   1 ? 
ATOM   238 O  OP2   . U   A 1 12 ? 13.229  -2.269  4.054   1.000 14.344 0 12  U   A OP2   1 ? 
ATOM   239 O  "O5'" . U   A 1 12 ? 13.610  -0.032  3.104   1.000 11.475 0 12  U   A "O5'" 1 ? 
ATOM   240 C  "C5'" . U   A 1 12 ? 14.369  0.952   2.382   1.000 11.290 0 12  U   A "C5'" 1 ? 
ATOM   241 C  "C4'" . U   A 1 12 ? 13.791  2.294   2.722   1.000 11.347 0 12  U   A "C4'" 1 ? 
ATOM   242 O  "O4'" . U   A 1 12 ? 12.428  2.382   2.260   1.000 10.377 0 12  U   A "O4'" 1 ? 
ATOM   243 C  "C3'" . U   A 1 12 ? 13.635  2.562   4.211   1.000 11.124 0 12  U   A "C3'" 1 ? 
ATOM   244 O  "O3'" . U   A 1 12 ? 14.858  3.018   4.748   1.000 11.763 0 12  U   A "O3'" 1 ? 
ATOM   245 C  "C2'" . U   A 1 12 ? 12.620  3.692   4.225   1.000 10.742 0 12  U   A "C2'" 1 ? 
ATOM   246 O  "O2'" . U   A 1 12 ? 13.145  4.899   3.704   1.000 11.156 0 12  U   A "O2'" 1 ? 
ATOM   247 C  "C1'" . U   A 1 12 ? 11.666  3.161   3.164   1.000 10.649 0 12  U   A "C1'" 1 ? 
ATOM   248 N  N1    . U   A 1 12 ? 10.591  2.289   3.677   1.000 10.044 0 12  U   A N1    1 ? 
ATOM   249 C  C2    . U   A 1 12 ? 9.463   2.900   4.186   1.000 10.953 0 12  U   A C2    1 ? 
ATOM   250 O  O2    . U   A 1 12 ? 9.367   4.111   4.311   1.000 11.929 0 12  U   A O2    1 ? 
ATOM   251 N  N3    . U   A 1 12 ? 8.442   2.050   4.552   1.000 9.825  0 12  U   A N3    1 ? 
ATOM   252 C  C4    . U   A 1 12 ? 8.438   0.663   4.467   1.000 10.644 0 12  U   A C4    1 ? 
ATOM   253 O  O4    . U   A 1 12 ? 7.460   0.022   4.868   1.000 11.177 0 12  U   A O4    1 ? 
ATOM   254 C  C5    . U   A 1 12 ? 9.644   0.110   3.939   1.000 11.645 0 12  U   A C5    1 ? 
ATOM   255 C  C6    . U   A 1 12 ? 10.668  0.913   3.611   1.000 10.493 0 12  U   A C6    1 ? 
ATOM   256 P  P     . C   A 1 13 ? 15.232  2.669   6.257   1.000 12.585 0 13  C   A P     1 ? 
ATOM   257 O  OP1   . C   A 1 13 ? 16.664  3.058   6.484   1.000 13.489 0 13  C   A OP1   1 ? 
ATOM   258 O  OP2   . C   A 1 13 ? 14.786  1.306   6.649   1.000 13.514 0 13  C   A OP2   1 ? 
ATOM   259 O  "O5'" . C   A 1 13 ? 14.276  3.555   7.181   1.000 12.340 0 13  C   A "O5'" 1 ? 
ATOM   260 C  "C5'" . C   A 1 13 ? 14.462  4.947   7.142   1.000 12.221 0 13  C   A "C5'" 1 ? 
ATOM   261 C  "C4'" . C   A 1 13 ? 13.316  5.612   7.856   1.000 11.153 0 13  C   A "C4'" 1 ? 
ATOM   262 O  "O4'" . C   A 1 13 ? 12.088  5.328   7.136   1.000 11.679 0 13  C   A "O4'" 1 ? 
ATOM   263 C  "C3'" . C   A 1 13 ? 12.984  5.189   9.302   1.000 9.469  0 13  C   A "C3'" 1 ? 
ATOM   264 O  "O3'" . C   A 1 13 ? 13.894  5.758   10.229  1.000 9.000  0 13  C   A "O3'" 1 ? 
ATOM   265 C  "C2'" . C   A 1 13 ? 11.581  5.781   9.413   1.000 9.798  0 13  C   A "C2'" 1 ? 
ATOM   266 O  "O2'" . C   A 1 13 ? 11.601  7.189   9.487   1.000 10.172 0 13  C   A "O2'" 1 ? 
ATOM   267 C  "C1'" . C   A 1 13 ? 11.012  5.403   8.052   1.000 10.949 0 13  C   A "C1'" 1 ? 
ATOM   268 N  N1    . C   A 1 13 ? 10.320  4.094   8.041   1.000 9.533  0 13  C   A N1    1 ? 
ATOM   269 C  C2    . C   A 1 13 ? 9.002   4.109   8.507   1.000 10.297 0 13  C   A C2    1 ? 
ATOM   270 O  O2    . C   A 1 13 ? 8.539   5.152   8.978   1.000 10.074 0 13  C   A O2    1 ? 
ATOM   271 N  N3    . C   A 1 13 ? 8.317   2.958   8.501   1.000 8.996  0 13  C   A N3    1 ? 
ATOM   272 C  C4    . C   A 1 13 ? 8.848   1.838   8.020   1.000 9.380  0 13  C   A C4    1 ? 
ATOM   273 N  N4    . C   A 1 13 ? 8.073   0.758   7.988   1.000 9.879  0 13  C   A N4    1 ? 
ATOM   274 C  C5    . C   A 1 13 ? 10.200  1.797   7.549   1.000 9.784  0 13  C   A C5    1 ? 
ATOM   275 C  C6    . C   A 1 13 ? 10.888  2.942   7.581   1.000 10.120 0 13  C   A C6    1 ? 
ATOM   276 P  P     . U   A 1 14 ? 14.199  5.089   11.638  1.000 8.369  0 14  U   A P     1 ? 
ATOM   277 O  OP1   . U   A 1 14 ? 15.275  5.869   12.295  1.000 8.832  0 14  U   A OP1   1 ? 
ATOM   278 O  OP2   . U   A 1 14 ? 14.425  3.624   11.442  1.000 10.084 0 14  U   A OP2   1 ? 
ATOM   279 O  "O5'" . U   A 1 14 ? 12.861  5.232   12.511  1.000 7.820  0 14  U   A "O5'" 1 ? 
ATOM   280 C  "C5'" . U   A 1 14 ? 12.490  6.560   12.989  1.000 8.356  0 14  U   A "C5'" 1 ? 
ATOM   281 C  "C4'" . U   A 1 14 ? 11.083  6.494   13.538  1.000 7.735  0 14  U   A "C4'" 1 ? 
ATOM   282 O  "O4'" . U   A 1 14 ? 10.144  6.093   12.529  1.000 7.658  0 14  U   A "O4'" 1 ? 
ATOM   283 C  "C3'" . U   A 1 14 ? 10.782  5.532   14.699  1.000 7.685  0 14  U   A "C3'" 1 ? 
ATOM   284 O  "O3'" . U   A 1 14 ? 11.222  6.092   15.906  1.000 8.156  0 14  U   A "O3'" 1 ? 
ATOM   285 C  "C2'" . U   A 1 14 ? 9.253   5.523   14.619  1.000 7.633  0 14  U   A "C2'" 1 ? 
ATOM   286 O  "O2'" . U   A 1 14 ? 8.686   6.771   15.014  1.000 7.342  0 14  U   A "O2'" 1 ? 
ATOM   287 C  "C1'" . U   A 1 14 ? 9.084   5.366   13.127  1.000 7.779  0 14  U   A "C1'" 1 ? 
ATOM   288 N  N1    . U   A 1 14 ? 9.119   3.971   12.670  1.000 6.912  0 14  U   A N1    1 ? 
ATOM   289 C  C2    . U   A 1 14 ? 7.921   3.276   12.748  1.000 7.342  0 14  U   A C2    1 ? 
ATOM   290 O  O2    . U   A 1 14 ? 6.941   3.702   13.325  1.000 7.534  0 14  U   A O2    1 ? 
ATOM   291 N  N3    . U   A 1 14 ? 7.948   2.033   12.188  1.000 6.610  0 14  U   A N3    1 ? 
ATOM   292 C  C4    . U   A 1 14 ? 8.981   1.440   11.511  1.000 7.190  0 14  U   A C4    1 ? 
ATOM   293 O  O4    . U   A 1 14 ? 8.882   0.290   11.073  1.000 8.178  0 14  U   A O4    1 ? 
ATOM   294 C  C5    . U   A 1 14 ? 10.180  2.213   11.486  1.000 7.274  0 14  U   A C5    1 ? 
ATOM   295 C  C6    . U   A 1 14 ? 10.189  3.448   12.003  1.000 7.434  0 14  U   A C6    1 ? 
ATOM   296 P  P     . C   A 1 15 ? 11.568  5.235   17.196  1.000 9.721  0 15  C   A P     1 ? 
ATOM   297 O  OP1   . C   A 1 15 ? 12.226  6.158   18.179  1.000 11.743 0 15  C   A OP1   1 ? 
ATOM   298 O  OP2   . C   A 1 15 ? 12.310  4.003   16.769  1.000 11.103 0 15  C   A OP2   1 ? 
ATOM   299 O  "O5'" . C   A 1 15 ? 10.163  4.740   17.769  1.000 9.321  0 15  C   A "O5'" 1 ? 
ATOM   300 C  "C5'" . C   A 1 15 ? 9.220   5.692   18.304  1.000 9.207  0 15  C   A "C5'" 1 ? 
ATOM   301 C  "C4'" . C   A 1 15 ? 7.883   5.023   18.485  1.000 8.471  0 15  C   A "C4'" 1 ? 
ATOM   302 O  "O4'" . C   A 1 15 ? 7.356   4.562   17.234  1.000 8.787  0 15  C   A "O4'" 1 ? 
ATOM   303 C  "C3'" . C   A 1 15 ? 7.896   3.777   19.380  1.000 9.610  0 15  C   A "C3'" 1 ? 
ATOM   304 O  "O3'" . C   A 1 15 ? 7.861   4.102   20.775  1.000 9.638  0 15  C   A "O3'" 1 ? 
ATOM   305 C  "C2'" . C   A 1 15 ? 6.570   3.173   18.962  1.000 8.486  0 15  C   A "C2'" 1 ? 
ATOM   306 O  "O2'" . C   A 1 15 ? 5.408   3.884   19.370  1.000 10.810 0 15  C   A "O2'" 1 ? 
ATOM   307 C  "C1'" . C   A 1 15 ? 6.628   3.362   17.447  1.000 7.852  0 15  C   A "C1'" 1 ? 
ATOM   308 N  N1    . C   A 1 15 ? 7.344   2.291   16.707  1.000 6.743  0 15  C   A N1    1 ? 
ATOM   309 C  C2    . C   A 1 15 ? 6.592   1.161   16.364  1.000 7.538  0 15  C   A C2    1 ? 
ATOM   310 O  O2    . C   A 1 15 ? 5.434   1.040   16.816  1.000 7.580  0 15  C   A O2    1 ? 
ATOM   311 N  N3    . C   A 1 15 ? 7.173   0.226   15.577  1.000 7.263  0 15  C   A N3    1 ? 
ATOM   312 C  C4    . C   A 1 15 ? 8.420   0.405   15.124  1.000 8.047  0 15  C   A C4    1 ? 
ATOM   313 N  N4    . C   A 1 15 ? 8.937   -0.533  14.313  1.000 8.318  0 15  C   A N4    1 ? 
ATOM   314 C  C5    . C   A 1 15 ? 9.220   1.522   15.506  1.000 7.591  0 15  C   A C5    1 ? 
ATOM   315 C  C6    . C   A 1 15 ? 8.656   2.412   16.341  1.000 7.656  0 15  C   A C6    1 ? 
ATOM   316 P  P     . U   A 1 16 ? 8.669   3.190   21.786  1.000 11.491 0 16  U   A P     1 ? 
ATOM   317 O  OP1   . U   A 1 16 ? 8.423   3.878   23.103  1.000 13.784 0 16  U   A OP1   1 ? 
ATOM   318 O  OP2   . U   A 1 16 ? 10.041  2.908   21.335  1.000 11.719 0 16  U   A OP2   1 ? 
ATOM   319 O  "O5'" . U   A 1 16 ? 7.886   1.788   21.795  1.000 10.188 0 16  U   A "O5'" 1 ? 
ATOM   320 C  "C5'" . U   A 1 16 ? 6.579   1.756   22.372  1.000 9.823  0 16  U   A "C5'" 1 ? 
ATOM   321 C  "C4'" . U   A 1 16 ? 5.921   0.429   22.096  1.000 8.976  0 16  U   A "C4'" 1 ? 
ATOM   322 O  "O4'" . U   A 1 16 ? 5.740   0.265   20.670  1.000 8.691  0 16  U   A "O4'" 1 ? 
ATOM   323 C  "C3'" . U   A 1 16 ? 6.689   -0.820  22.537  1.000 9.356  0 16  U   A "C3'" 1 ? 
ATOM   324 O  "O3'" . U   A 1 16 ? 6.502   -1.056  23.949  1.000 10.598 0 16  U   A "O3'" 1 ? 
ATOM   325 C  "C2'" . U   A 1 16 ? 6.040   -1.876  21.665  1.000 8.942  0 16  U   A "C2'" 1 ? 
ATOM   326 O  "O2'" . U   A 1 16 ? 4.775   -2.255  22.199  1.000 10.894 0 16  U   A "O2'" 1 ? 
ATOM   327 C  "C1'" . U   A 1 16 ? 5.870   -1.112  20.355  1.000 8.276  0 16  U   A "C1'" 1 ? 
ATOM   328 N  N1    . U   A 1 16 ? 6.996   -1.285  19.425  1.000 6.677  0 16  U   A N1    1 ? 
ATOM   329 C  C2    . U   A 1 16 ? 6.981   -2.423  18.654  1.000 7.210  0 16  U   A C2    1 ? 
ATOM   330 O  O2    . U   A 1 16 ? 6.122   -3.266  18.758  1.000 8.142  0 16  U   A O2    1 ? 
ATOM   331 N  N3    . U   A 1 16 ? 8.040   -2.533  17.788  1.000 7.125  0 16  U   A N3    1 ? 
ATOM   332 C  C4    . U   A 1 16 ? 9.118   -1.698  17.664  1.000 7.737  0 16  U   A C4    1 ? 
ATOM   333 O  O4    . U   A 1 16 ? 10.009  -1.976  16.858  1.000 8.518  0 16  U   A O4    1 ? 
ATOM   334 C  C5    . U   A 1 16 ? 9.077   -0.557  18.530  1.000 7.529  0 16  U   A C5    1 ? 
ATOM   335 C  C6    . U   A 1 16 ? 8.042   -0.397  19.365  1.000 6.649  0 16  U   A C6    1 ? 
HETATM 336 MG MG    . MG  B 2 .  ? -4.617  0.115   -3.026  1.000 28.264 0 101 MG  A MG    1 ? 
HETATM 337 MG MG    . MG  C 2 .  ? -6.614  2.477   -11.807 1.000 23.285 0 102 MG  A MG    1 ? 
HETATM 338 O  O     . HOH D 3 .  ? 9.441   4.326   25.133  1.000 33.548 0 201 HOH A O     1 ? 
HETATM 339 O  O     . HOH D 3 .  ? -5.964  8.390   -19.545 1.000 28.247 0 202 HOH A O     1 ? 
HETATM 340 O  O     . HOH D 3 .  ? 0.663   -10.008 -5.587  1.000 42.070 0 203 HOH A O     1 ? 
HETATM 341 O  O     . HOH D 3 .  ? 18.498  1.365   6.520   1.000 29.918 0 204 HOH A O     1 ? 
HETATM 342 O  O     . HOH D 3 .  ? 10.429  0.980   -1.298  1.000 36.529 0 205 HOH A O     1 ? 
HETATM 343 O  O     . HOH D 3 .  ? -7.933  4.578   -4.905  1.000 24.866 0 206 HOH A O     1 ? 
HETATM 344 O  O     . HOH D 3 .  ? -6.482  0.345   -4.040  1.000 27.887 0 207 HOH A O     1 ? 
HETATM 345 O  O     . HOH D 3 .  ? -7.965  0.789   1.567   1.000 37.201 0 208 HOH A O     1 ? 
HETATM 346 O  O     . HOH D 3 .  ? 4.531   5.993   18.208  1.000 21.710 0 209 HOH A O     1 ? 
HETATM 347 O  O     . HOH D 3 .  ? -0.777  6.243   -13.232 1.000 20.838 0 210 HOH A O     1 ? 
HETATM 348 O  O     . HOH D 3 .  ? -13.088 7.310   -0.621  1.000 32.930 0 211 HOH A O     1 ? 
HETATM 349 O  O     . HOH D 3 .  ? 10.434  -1.600  10.163  1.000 20.298 0 212 HOH A O     1 ? 
HETATM 350 O  O     . HOH D 3 .  ? -6.861  1.732   -15.509 1.000 30.657 0 213 HOH A O     1 ? 
HETATM 351 O  O     . HOH D 3 .  ? -7.218  8.808   -3.125  1.000 26.464 0 214 HOH A O     1 ? 
HETATM 352 O  O     . HOH D 3 .  ? 12.230  4.376   21.464  1.000 37.197 0 215 HOH A O     1 ? 
HETATM 353 O  O     . HOH D 3 .  ? 0.032   -3.433  0.698   1.000 25.186 0 216 HOH A O     1 ? 
HETATM 354 O  O     . HOH D 3 .  ? 12.340  -0.789  16.454  1.000 15.703 0 217 HOH A O     1 ? 
HETATM 355 O  O     . HOH D 3 .  ? 17.564  5.109   13.387  1.000 27.174 0 218 HOH A O     1 ? 
HETATM 356 O  O     . HOH D 3 .  ? 15.003  -6.275  2.930   1.000 33.336 0 219 HOH A O     1 ? 
HETATM 357 O  O     . HOH D 3 .  ? -9.918  -7.155  -3.479  1.000 22.361 0 220 HOH A O     1 ? 
HETATM 358 O  O     . HOH D 3 .  ? -4.925  -1.830  -1.920  1.000 19.932 0 221 HOH A O     1 ? 
HETATM 359 O  O     . HOH D 3 .  ? -8.323  -1.411  3.424   1.000 15.806 0 222 HOH A O     1 ? 
HETATM 360 O  O     . HOH D 3 .  ? 7.706   -3.304  24.717  1.000 22.088 0 223 HOH A O     1 ? 
HETATM 361 O  O     . HOH D 3 .  ? -8.140  7.860   -19.102 1.000 22.400 0 224 HOH A O     1 ? 
HETATM 362 O  O     . HOH D 3 .  ? 8.195   7.757   8.446   1.000 24.593 0 225 HOH A O     1 ? 
HETATM 363 O  O     . HOH D 3 .  ? -10.247 4.230   0.938   1.000 30.677 0 226 HOH A O     1 ? 
HETATM 364 O  O     . HOH D 3 .  ? -8.590  2.118   -2.175  1.000 23.435 0 227 HOH A O     1 ? 
HETATM 365 O  O     . HOH D 3 .  ? -7.690  2.187   -5.916  1.000 16.627 0 228 HOH A O     1 ? 
HETATM 366 O  O     . HOH D 3 .  ? 1.264   -12.352 -4.693  1.000 35.493 0 229 HOH A O     1 ? 
HETATM 367 O  O     . HOH D 3 .  ? -7.795  4.215   -8.543  1.000 22.842 0 230 HOH A O     1 ? 
HETATM 368 O  O     . HOH D 3 .  ? 10.342  -3.544  -3.833  1.000 27.250 0 231 HOH A O     1 ? 
HETATM 369 O  O     . HOH D 3 .  ? -7.762  1.203   -9.934  1.000 21.924 0 232 HOH A O     1 ? 
HETATM 370 O  O     . HOH D 3 .  ? -7.741  -4.298  5.647   1.000 19.930 0 233 HOH A O     1 ? 
HETATM 371 O  O     . HOH D 3 .  ? -14.574 -2.851  -4.373  1.000 28.204 0 234 HOH A O     1 ? 
HETATM 372 O  O     . HOH D 3 .  ? -10.914 11.153  -8.163  1.000 20.373 0 235 HOH A O     1 ? 
HETATM 373 O  O     . HOH D 3 .  ? 6.739   -2.295  6.120   1.000 26.693 0 236 HOH A O     1 ? 
HETATM 374 O  O     . HOH D 3 .  ? -4.978  4.063   -12.924 1.000 29.341 0 237 HOH A O     1 ? 
HETATM 375 O  O     . HOH D 3 .  ? 4.642   -5.427  19.620  1.000 24.404 0 238 HOH A O     1 ? 
HETATM 376 O  O     . HOH D 3 .  ? 12.673  -0.459  6.368   1.000 19.230 0 239 HOH A O     1 ? 
HETATM 377 O  O     . HOH D 3 .  ? -13.557 7.122   -10.263 1.000 17.471 0 240 HOH A O     1 ? 
HETATM 378 O  O     . HOH D 3 .  ? 13.493  8.876   10.609  0.330 7.171  0 241 HOH A O     1 ? 
HETATM 379 O  O     . HOH D 3 .  ? -9.631  -7.732  4.178   0.330 16.829 0 242 HOH A O     1 ? 
HETATM 380 O  O     . HOH D 3 .  ? -15.147 6.366   -2.221  1.000 18.330 0 243 HOH A O     1 ? 
HETATM 381 O  O     . HOH D 3 .  ? 16.912  2.771   10.510  1.000 12.916 0 244 HOH A O     1 ? 
HETATM 382 O  O     . HOH D 3 .  ? -3.255  -5.117  0.193   1.000 25.805 0 245 HOH A O     1 ? 
HETATM 383 O  O     . HOH D 3 .  ? -9.433  0.251   -15.829 1.000 16.120 0 246 HOH A O     1 ? 
HETATM 384 O  O     . HOH D 3 .  ? -3.502  -0.913  -4.288  1.000 25.053 0 247 HOH A O     1 ? 
HETATM 385 O  O     . HOH D 3 .  ? -6.299  10.777  -6.283  1.000 30.494 0 248 HOH A O     1 ? 
HETATM 386 O  O     . HOH D 3 .  ? 9.513   6.409   2.680   1.000 41.761 0 249 HOH A O     1 ? 
HETATM 387 O  O     . HOH D 3 .  ? -5.158  11.287  -13.322 1.000 30.747 0 250 HOH A O     1 ? 
HETATM 388 O  O     . HOH D 3 .  ? 15.268  8.584   13.136  0.330 12.593 0 251 HOH A O     1 ? 
HETATM 389 O  O     . HOH D 3 .  ? -7.164  -1.591  -0.262  1.000 30.241 0 252 HOH A O     1 ? 
HETATM 390 O  O     . HOH D 3 .  ? -10.239 9.579   -14.497 1.000 22.592 0 253 HOH A O     1 ? 
HETATM 391 O  O     . HOH D 3 .  ? -2.119  5.092   -11.142 1.000 31.326 0 254 HOH A O     1 ? 
HETATM 392 O  O     . HOH D 3 .  ? -13.031 2.860   2.711   1.000 27.267 0 255 HOH A O     1 ? 
HETATM 393 O  O     . HOH D 3 .  ? -16.252 3.300   -8.026  1.000 25.098 0 256 HOH A O     1 ? 
HETATM 394 O  O     . HOH D 3 .  ? -0.317  -7.339  1.818   1.000 21.937 0 257 HOH A O     1 ? 
HETATM 395 O  O     . HOH D 3 .  ? 10.556  -2.900  4.896   1.000 24.355 0 258 HOH A O     1 ? 
HETATM 396 O  O     . HOH D 3 .  ? 0.016   -9.764  4.799   1.000 38.044 0 259 HOH A O     1 ? 
HETATM 397 O  O     . HOH D 3 .  ? -11.608 -7.407  1.364   0.330 9.478  0 260 HOH A O     1 ? 
HETATM 398 O  O     . HOH D 3 .  ? 11.433  2.002   18.969  1.000 20.678 0 261 HOH A O     1 ? 
HETATM 399 O  O     . HOH D 3 .  ? -5.645  4.077   -9.728  1.000 21.956 0 262 HOH A O     1 ? 
HETATM 400 O  O     . HOH D 3 .  ? 3.671   -8.435  2.247   1.000 36.291 0 263 HOH A O     1 ? 
HETATM 401 O  O     . HOH D 3 .  ? -15.232 -0.044  0.027   1.000 29.751 0 264 HOH A O     1 ? 
HETATM 402 O  O     . HOH D 3 .  ? -7.309  1.368   -13.202 1.000 34.973 0 265 HOH A O     1 ? 
HETATM 403 O  O     . HOH D 3 .  ? 7.043   3.879   25.713  1.000 31.982 0 266 HOH A O     1 ? 
HETATM 404 O  O     . HOH D 3 .  ? 13.319  1.518   9.677   1.000 25.002 0 267 HOH A O     1 ? 
HETATM 405 O  O     . HOH D 3 .  ? 10.714  5.677   23.720  1.000 36.010 0 268 HOH A O     1 ? 
HETATM 406 O  O     . HOH D 3 .  ? 3.004   -5.371  2.623   1.000 20.504 0 269 HOH A O     1 ? 
HETATM 407 O  O     . HOH D 3 .  ? 11.806  -0.248  13.494  1.000 15.636 0 270 HOH A O     1 ? 
HETATM 408 O  O     . HOH D 3 .  ? -8.880  11.762  -5.628  1.000 45.539 0 271 HOH A O     1 ? 
HETATM 409 O  O     . HOH D 3 .  ? 1.424   -15.056 0.891   1.000 29.803 0 272 HOH A O     1 ? 
HETATM 410 O  O     . HOH D 3 .  ? 16.487  -3.265  0.634   1.000 41.456 0 273 HOH A O     1 ? 
HETATM 411 O  O     . HOH D 3 .  ? -1.776  -2.270  -1.334  1.000 29.701 0 274 HOH A O     1 ? 
HETATM 412 O  O     . HOH D 3 .  ? 9.753   -1.728  7.290   1.000 20.742 0 275 HOH A O     1 ? 
HETATM 413 O  O     . HOH D 3 .  ? 13.382  -7.359  -2.498  1.000 29.595 0 276 HOH A O     1 ? 
HETATM 414 O  O     . HOH D 3 .  ? -14.529 8.386   -8.419  1.000 52.046 0 277 HOH A O     1 ? 
HETATM 415 O  O     . HOH D 3 .  ? 7.010   -8.331  -5.528  1.000 38.419 0 278 HOH A O     1 ? 
HETATM 416 O  O     . HOH D 3 .  ? -13.920 10.682  -9.209  1.000 28.995 0 279 HOH A O     1 ? 
HETATM 417 O  O     . HOH D 3 .  ? -2.713  -12.575 3.863   1.000 36.405 0 280 HOH A O     1 ? 
HETATM 418 O  O     . HOH D 3 .  ? -0.321  -14.879 -1.030  1.000 39.341 0 281 HOH A O     1 ? 
HETATM 419 O  O     . HOH D 3 .  ? -14.020 -7.011  -2.069  0.330 35.029 0 282 HOH A O     1 ? 
HETATM 420 O  O     . HOH D 3 .  ? 5.664   -6.501  3.746   1.000 33.985 0 283 HOH A O     1 ? 
HETATM 421 O  O     . HOH D 3 .  ? 7.911   8.190   20.492  1.000 30.423 0 284 HOH A O     1 ? 
HETATM 422 O  O     . HOH D 3 .  ? -5.864  1.286   -1.713  1.000 36.583 0 285 HOH A O     1 ? 
HETATM 423 O  O     . HOH D 3 .  ? -5.381  4.380   -3.588  1.000 36.275 0 286 HOH A O     1 ? 
HETATM 424 O  O     . HOH D 3 .  ? 4.212   -4.386  6.925   1.000 31.649 0 287 HOH A O     1 ? 
HETATM 425 O  O     . HOH D 3 .  ? -4.157  2.156   -3.784  1.000 30.397 0 288 HOH A O     1 ? 
# 
